data_7B6M
#
_entry.id   7B6M
#
_cell.length_a   58.137
_cell.length_b   58.153
_cell.length_c   74.348
_cell.angle_alpha   97.08
_cell.angle_beta   91.49
_cell.angle_gamma   104.93
#
_symmetry.space_group_name_H-M   'P 1'
#
loop_
_entity.id
_entity.type
_entity.pdbx_description
1 polymer 'UDP-N-acetylmuramoyl-L-alanyl-D-glutamate-2,6-diaminopimelate ligase'
2 non-polymer 1,2-ETHANEDIOL
3 non-polymer N-[2-(2,5-Dioxopyrrolidin-1-yl)ethyl]-3-methylbenzamide
4 water water
#
_entity_poly.entity_id   1
_entity_poly.type   'polypeptide(L)'
_entity_poly.pdbx_seq_one_letter_code
;SMADRNLRDLLAPWVPDAPSRALREMTLDSRVAAAGDLFVAVVGHQADGRRYIPQAIAQGVAAIIAEAKDEATDGEIREM
HGVPVIYLSQLNERLSALAGRFYHEPSDNLRLVGVTGTNGKTTTTQLLAQWSQLLGEISAVMGTVGNGLLGKVIPTENTT
GSAVDVQHELAGLVDQGATFCAMEVSSHGLVQHRVAALKFAASVFTNLSRDHLDYHGDMEHYEAAKWLLYSEHHCGQAII
NADDEVGRRWLAKLPDAVAVSMEDHINPNCHGRWLKATEVNYHDSGATIRFSSSWGDGEIESHLMGAFNVSNLLLALATL
LALGYPLADLLKTAARLQPVCGRMEVFTAPGKPTVVVDYAHTPDALEKALQAARLHCAGKLWCVFGCGGDRDKGKRPLMG
AIAEEFADVAVVTDDNPRTEEPRAIINDILAGMLDAGHAKVMEGRAEAVTCAVMQAKENDVVLVAGKGHEDYQIVGNQRL
DYSDRVTVARLLGVIA
;
_entity_poly.pdbx_strand_id   A,B
#
loop_
_chem_comp.id
_chem_comp.type
_chem_comp.name
_chem_comp.formula
EDO non-polymer 1,2-ETHANEDIOL 'C2 H6 O2'
SZN non-polymer N-[2-(2,5-Dioxopyrrolidin-1-yl)ethyl]-3-methylbenzamide 'C14 H16 N2 O3'
#
# COMPACT_ATOMS: atom_id res chain seq x y z
N ARG A 5 21.27 6.99 -9.60
CA ARG A 5 21.90 6.34 -8.39
C ARG A 5 23.19 7.04 -8.00
N ASN A 6 23.24 7.52 -6.75
CA ASN A 6 24.32 8.33 -6.25
C ASN A 6 24.71 7.89 -4.87
N LEU A 7 26.02 7.77 -4.64
CA LEU A 7 26.55 7.30 -3.36
C LEU A 7 26.08 8.14 -2.20
N ARG A 8 26.02 9.46 -2.38
CA ARG A 8 25.69 10.39 -1.30
C ARG A 8 24.21 10.19 -0.87
N ASP A 9 23.32 10.13 -1.86
CA ASP A 9 21.91 9.88 -1.62
C ASP A 9 21.71 8.46 -1.08
N LEU A 10 22.41 7.46 -1.64
CA LEU A 10 22.34 6.08 -1.18
C LEU A 10 22.56 6.02 0.32
N LEU A 11 23.63 6.69 0.79
CA LEU A 11 24.05 6.56 2.17
C LEU A 11 23.45 7.58 3.14
N ALA A 12 22.71 8.54 2.62
CA ALA A 12 22.14 9.65 3.40
C ALA A 12 21.46 9.24 4.72
N PRO A 13 20.67 8.14 4.79
CA PRO A 13 20.06 7.74 6.07
C PRO A 13 21.06 7.36 7.16
N TRP A 14 22.26 6.95 6.75
CA TRP A 14 23.26 6.38 7.65
C TRP A 14 24.55 7.18 7.76
N VAL A 15 25.02 7.73 6.63
CA VAL A 15 26.27 8.48 6.59
C VAL A 15 26.02 9.84 5.94
N PRO A 16 25.91 10.93 6.74
CA PRO A 16 25.59 12.25 6.19
C PRO A 16 26.67 12.85 5.25
N ASP A 17 27.94 12.55 5.51
CA ASP A 17 29.04 13.25 4.82
C ASP A 17 29.55 12.59 3.53
N ALA A 18 28.86 11.53 3.07
CA ALA A 18 29.35 10.66 2.00
C ALA A 18 29.53 11.45 0.72
N PRO A 19 30.63 11.20 -0.05
CA PRO A 19 30.85 11.90 -1.32
C PRO A 19 29.83 11.58 -2.38
N SER A 20 29.60 12.54 -3.26
CA SER A 20 28.75 12.36 -4.42
C SER A 20 29.50 11.59 -5.51
N ARG A 21 28.90 10.49 -5.98
CA ARG A 21 29.45 9.62 -7.02
C ARG A 21 28.31 8.95 -7.72
N ALA A 22 28.27 9.06 -9.05
CA ALA A 22 27.32 8.32 -9.84
C ALA A 22 27.68 6.83 -9.77
N LEU A 23 26.66 5.99 -9.66
CA LEU A 23 26.84 4.56 -9.48
C LEU A 23 26.04 3.84 -10.52
N ARG A 24 26.56 2.70 -10.98
CA ARG A 24 25.94 1.88 -12.01
C ARG A 24 25.15 0.78 -11.33
N GLU A 25 25.81 -0.34 -11.03
CA GLU A 25 25.19 -1.48 -10.41
C GLU A 25 25.83 -1.71 -9.05
N MET A 26 25.14 -2.49 -8.23
CA MET A 26 25.61 -2.86 -6.91
C MET A 26 25.96 -4.34 -6.99
N THR A 27 27.17 -4.71 -6.57
CA THR A 27 27.60 -6.11 -6.61
C THR A 27 28.48 -6.50 -5.41
N LEU A 28 28.32 -7.76 -4.98
CA LEU A 28 29.14 -8.38 -3.94
C LEU A 28 30.33 -9.15 -4.50
N ASP A 29 30.38 -9.30 -5.83
CA ASP A 29 31.36 -10.13 -6.50
C ASP A 29 32.37 -9.26 -7.27
N SER A 30 33.60 -9.22 -6.75
CA SER A 30 34.71 -8.43 -7.32
C SER A 30 35.05 -8.81 -8.76
N ARG A 31 34.80 -10.07 -9.14
CA ARG A 31 35.12 -10.56 -10.48
C ARG A 31 34.32 -9.88 -11.58
N VAL A 32 33.02 -9.65 -11.33
CA VAL A 32 32.15 -8.95 -12.27
C VAL A 32 32.05 -7.44 -12.05
N ALA A 33 32.62 -6.96 -10.94
CA ALA A 33 32.65 -5.54 -10.59
C ALA A 33 33.32 -4.74 -11.69
N ALA A 34 32.52 -3.93 -12.39
CA ALA A 34 32.95 -3.15 -13.56
C ALA A 34 33.02 -1.64 -13.28
N ALA A 35 33.48 -0.89 -14.29
CA ALA A 35 33.54 0.58 -14.25
C ALA A 35 32.22 1.17 -13.76
N GLY A 36 32.33 2.08 -12.78
CA GLY A 36 31.17 2.81 -12.25
C GLY A 36 30.31 2.06 -11.23
N ASP A 37 30.62 0.80 -10.98
CA ASP A 37 29.86 -0.02 -10.01
C ASP A 37 30.13 0.39 -8.56
N LEU A 38 29.18 0.02 -7.69
CA LEU A 38 29.40 -0.02 -6.27
C LEU A 38 29.73 -1.44 -5.90
N PHE A 39 30.92 -1.65 -5.34
CA PHE A 39 31.31 -2.95 -4.80
C PHE A 39 31.05 -2.94 -3.31
N VAL A 40 30.40 -4.00 -2.84
CA VAL A 40 30.07 -4.14 -1.44
C VAL A 40 30.89 -5.29 -0.92
N ALA A 41 31.75 -4.98 0.05
CA ALA A 41 32.75 -5.92 0.55
C ALA A 41 32.28 -6.43 1.90
N VAL A 42 31.75 -7.66 1.91
CA VAL A 42 31.17 -8.26 3.10
C VAL A 42 32.03 -9.41 3.61
N VAL A 43 31.95 -9.66 4.91
CA VAL A 43 32.56 -10.84 5.52
C VAL A 43 31.49 -11.89 5.65
N GLY A 44 31.71 -13.07 5.06
CA GLY A 44 30.80 -14.18 5.12
C GLY A 44 31.53 -15.43 5.54
N HIS A 45 30.82 -16.56 5.45
CA HIS A 45 31.38 -17.91 5.57
C HIS A 45 32.71 -18.05 4.84
N GLN A 46 33.81 -18.12 5.62
CA GLN A 46 35.17 -18.35 5.14
C GLN A 46 35.70 -17.42 4.01
N ALA A 47 35.01 -16.31 3.76
CA ALA A 47 35.40 -15.34 2.71
C ALA A 47 35.23 -13.90 3.16
N ASP A 48 36.25 -13.07 2.89
CA ASP A 48 36.29 -11.65 3.27
C ASP A 48 36.45 -10.81 2.03
N GLY A 49 35.35 -10.12 1.65
CA GLY A 49 35.33 -9.28 0.47
C GLY A 49 36.30 -8.10 0.49
N ARG A 50 36.67 -7.65 1.69
CA ARG A 50 37.63 -6.56 1.84
C ARG A 50 38.98 -6.89 1.18
N ARG A 51 39.37 -8.17 1.19
CA ARG A 51 40.61 -8.59 0.54
C ARG A 51 40.59 -8.32 -0.96
N TYR A 52 39.40 -8.18 -1.56
CA TYR A 52 39.26 -7.91 -2.99
C TYR A 52 39.02 -6.43 -3.34
N ILE A 53 39.17 -5.52 -2.36
CA ILE A 53 39.07 -4.09 -2.60
C ILE A 53 40.06 -3.62 -3.68
N PRO A 54 41.36 -3.99 -3.62
CA PRO A 54 42.31 -3.57 -4.67
C PRO A 54 41.89 -4.01 -6.05
N GLN A 55 41.45 -5.26 -6.20
CA GLN A 55 40.99 -5.80 -7.50
C GLN A 55 39.82 -4.99 -8.05
N ALA A 56 38.83 -4.71 -7.18
CA ALA A 56 37.66 -3.93 -7.55
C ALA A 56 38.05 -2.52 -7.99
N ILE A 57 38.96 -1.89 -7.24
CA ILE A 57 39.46 -0.57 -7.58
C ILE A 57 40.14 -0.62 -8.96
N ALA A 58 41.04 -1.60 -9.14
CA ALA A 58 41.75 -1.81 -10.41
C ALA A 58 40.79 -2.00 -11.59
N GLN A 59 39.60 -2.57 -11.33
CA GLN A 59 38.58 -2.73 -12.35
C GLN A 59 37.67 -1.50 -12.54
N GLY A 60 37.95 -0.43 -11.78
CA GLY A 60 37.31 0.86 -11.98
C GLY A 60 35.98 1.12 -11.31
N VAL A 61 35.69 0.42 -10.20
CA VAL A 61 34.48 0.67 -9.45
C VAL A 61 34.48 2.15 -9.03
N ALA A 62 33.27 2.74 -9.00
CA ALA A 62 33.08 4.12 -8.52
C ALA A 62 33.25 4.28 -7.01
N ALA A 63 32.90 3.23 -6.25
CA ALA A 63 32.86 3.33 -4.80
C ALA A 63 32.71 1.96 -4.19
N ILE A 64 33.02 1.89 -2.89
CA ILE A 64 33.04 0.65 -2.13
C ILE A 64 32.42 0.92 -0.78
N ILE A 65 31.52 0.03 -0.37
CA ILE A 65 30.98 -0.01 0.98
C ILE A 65 31.49 -1.32 1.57
N ALA A 66 32.10 -1.24 2.76
CA ALA A 66 32.82 -2.34 3.35
C ALA A 66 32.48 -2.59 4.83
N GLU A 67 32.55 -3.85 5.25
CA GLU A 67 32.36 -4.23 6.64
C GLU A 67 33.40 -3.50 7.49
N ALA A 68 32.95 -2.90 8.59
CA ALA A 68 33.83 -2.15 9.50
C ALA A 68 34.54 -3.01 10.57
N LYS A 69 34.03 -4.22 10.81
CA LYS A 69 34.53 -5.11 11.88
C LYS A 69 36.06 -5.26 11.84
N ASP A 70 36.71 -4.81 12.93
CA ASP A 70 38.18 -4.92 13.12
C ASP A 70 39.02 -3.96 12.28
N GLU A 71 38.36 -3.17 11.42
CA GLU A 71 39.06 -2.35 10.42
C GLU A 71 38.79 -0.88 10.59
N ALA A 72 37.55 -0.52 10.95
CA ALA A 72 37.19 0.90 11.00
C ALA A 72 35.98 1.09 11.86
N THR A 73 35.65 2.36 12.11
CA THR A 73 34.46 2.71 12.85
C THR A 73 33.27 2.84 11.88
N ASP A 74 32.06 2.67 12.43
CA ASP A 74 30.84 2.71 11.64
C ASP A 74 30.69 4.09 11.03
N GLY A 75 30.54 4.13 9.71
CA GLY A 75 30.38 5.38 8.99
C GLY A 75 31.70 6.04 8.60
N GLU A 76 32.82 5.37 8.85
CA GLU A 76 34.13 5.94 8.52
C GLU A 76 34.26 5.99 7.01
N ILE A 77 34.55 7.20 6.50
CA ILE A 77 34.81 7.44 5.10
C ILE A 77 36.32 7.51 4.84
N ARG A 78 36.83 6.58 4.03
CA ARG A 78 38.22 6.57 3.56
C ARG A 78 38.26 6.74 2.05
N GLU A 79 39.47 6.82 1.51
CA GLU A 79 39.68 7.04 0.09
C GLU A 79 40.93 6.25 -0.30
N MET A 80 40.81 5.43 -1.35
CA MET A 80 41.90 4.58 -1.83
C MET A 80 41.97 4.74 -3.33
N HIS A 81 43.11 5.26 -3.82
CA HIS A 81 43.29 5.51 -5.25
C HIS A 81 42.20 6.38 -5.86
N GLY A 82 41.70 7.32 -5.06
CA GLY A 82 40.66 8.25 -5.47
C GLY A 82 39.27 7.67 -5.41
N VAL A 83 39.13 6.45 -4.88
CA VAL A 83 37.85 5.77 -4.76
C VAL A 83 37.37 5.83 -3.31
N PRO A 84 36.14 6.33 -3.03
CA PRO A 84 35.62 6.34 -1.66
C PRO A 84 35.38 4.90 -1.19
N VAL A 85 35.80 4.60 0.04
CA VAL A 85 35.58 3.33 0.70
C VAL A 85 34.90 3.71 2.01
N ILE A 86 33.61 3.37 2.13
CA ILE A 86 32.83 3.71 3.31
C ILE A 86 32.55 2.44 4.11
N TYR A 87 32.88 2.48 5.40
CA TYR A 87 32.78 1.32 6.28
C TYR A 87 31.51 1.39 7.12
N LEU A 88 30.82 0.25 7.21
CA LEU A 88 29.57 0.13 7.97
C LEU A 88 29.68 -1.10 8.84
N SER A 89 29.29 -0.98 10.12
N SER A 89 29.28 -0.98 10.11
CA SER A 89 29.20 -2.11 11.02
CA SER A 89 29.21 -2.11 11.02
C SER A 89 27.94 -2.91 10.69
C SER A 89 27.95 -2.90 10.70
N GLN A 90 27.99 -4.21 10.96
CA GLN A 90 26.86 -5.14 10.74
C GLN A 90 26.31 -5.02 9.31
N LEU A 91 27.23 -5.02 8.34
CA LEU A 91 26.87 -4.78 6.96
C LEU A 91 25.96 -5.89 6.43
N ASN A 92 26.20 -7.14 6.85
CA ASN A 92 25.34 -8.27 6.46
C ASN A 92 23.89 -8.04 6.86
N GLU A 93 23.69 -7.44 8.03
CA GLU A 93 22.36 -7.14 8.56
C GLU A 93 21.68 -5.99 7.83
N ARG A 94 22.48 -5.07 7.27
CA ARG A 94 21.98 -3.84 6.65
C ARG A 94 21.94 -3.90 5.13
N LEU A 95 22.42 -5.00 4.56
CA LEU A 95 22.58 -5.11 3.13
C LEU A 95 21.22 -5.01 2.42
N SER A 96 20.21 -5.67 2.98
CA SER A 96 18.86 -5.59 2.39
C SER A 96 18.39 -4.13 2.29
N ALA A 97 18.52 -3.36 3.37
CA ALA A 97 18.14 -1.96 3.39
C ALA A 97 18.94 -1.16 2.37
N LEU A 98 20.25 -1.42 2.31
CA LEU A 98 21.15 -0.68 1.44
C LEU A 98 20.71 -0.92 0.00
N ALA A 99 20.52 -2.19 -0.36
CA ALA A 99 20.12 -2.56 -1.71
C ALA A 99 18.72 -2.06 -2.04
N GLY A 100 17.81 -2.13 -1.06
CA GLY A 100 16.45 -1.58 -1.21
C GLY A 100 16.48 -0.13 -1.66
N ARG A 101 17.32 0.66 -1.00
CA ARG A 101 17.43 2.08 -1.31
C ARG A 101 18.08 2.25 -2.68
N PHE A 102 19.13 1.48 -2.95
CA PHE A 102 19.80 1.49 -4.25
C PHE A 102 18.82 1.27 -5.41
N TYR A 103 17.93 0.29 -5.24
CA TYR A 103 16.97 -0.10 -6.27
C TYR A 103 15.60 0.57 -6.18
N HIS A 104 15.54 1.67 -5.43
CA HIS A 104 14.34 2.54 -5.34
C HIS A 104 13.14 1.81 -4.71
N GLU A 105 13.45 0.99 -3.68
CA GLU A 105 12.44 0.46 -2.77
C GLU A 105 11.34 -0.31 -3.50
N PRO A 106 11.70 -1.38 -4.25
CA PRO A 106 10.72 -2.12 -5.04
C PRO A 106 9.53 -2.65 -4.26
N SER A 107 9.74 -3.05 -3.00
CA SER A 107 8.64 -3.59 -2.22
C SER A 107 7.62 -2.53 -1.78
N ASP A 108 7.97 -1.25 -1.90
CA ASP A 108 7.02 -0.13 -1.72
C ASP A 108 6.27 0.24 -3.00
N ASN A 109 6.63 -0.42 -4.11
CA ASN A 109 6.04 -0.14 -5.43
C ASN A 109 5.29 -1.31 -6.04
N LEU A 110 5.10 -2.38 -5.27
CA LEU A 110 4.18 -3.44 -5.61
C LEU A 110 3.67 -4.04 -4.30
N ARG A 111 2.66 -4.92 -4.38
CA ARG A 111 2.11 -5.57 -3.19
C ARG A 111 2.84 -6.89 -3.08
N LEU A 112 3.72 -7.00 -2.07
CA LEU A 112 4.56 -8.15 -1.88
C LEU A 112 3.98 -9.04 -0.80
N VAL A 113 3.76 -10.31 -1.13
CA VAL A 113 3.30 -11.28 -0.16
C VAL A 113 4.36 -12.37 -0.02
N GLY A 114 4.78 -12.61 1.22
CA GLY A 114 5.76 -13.61 1.53
C GLY A 114 5.10 -14.85 2.05
N VAL A 115 5.58 -16.02 1.60
CA VAL A 115 5.06 -17.30 2.08
C VAL A 115 6.22 -18.08 2.68
N THR A 116 6.09 -18.46 3.97
CA THR A 116 7.07 -19.26 4.69
C THR A 116 6.46 -20.57 5.21
N GLY A 117 7.32 -21.56 5.52
CA GLY A 117 6.89 -22.87 5.99
C GLY A 117 7.61 -23.99 5.27
N THR A 118 7.43 -25.23 5.73
CA THR A 118 8.17 -26.34 5.18
C THR A 118 7.64 -26.74 3.83
N ASN A 119 6.32 -26.88 3.73
CA ASN A 119 5.66 -27.34 2.51
C ASN A 119 4.63 -26.35 2.04
N GLY A 120 4.27 -26.49 0.76
CA GLY A 120 3.22 -25.67 0.20
C GLY A 120 3.55 -24.24 -0.20
N LYS A 121 4.83 -23.85 -0.09
CA LYS A 121 5.25 -22.50 -0.43
C LYS A 121 5.06 -22.23 -1.91
N THR A 122 5.48 -23.18 -2.76
CA THR A 122 5.47 -22.98 -4.18
C THR A 122 4.04 -22.87 -4.69
N THR A 123 3.18 -23.81 -4.25
CA THR A 123 1.80 -23.81 -4.64
C THR A 123 1.10 -22.56 -4.14
N THR A 124 1.28 -22.22 -2.86
CA THR A 124 0.59 -21.06 -2.31
C THR A 124 1.02 -19.77 -3.02
N THR A 125 2.31 -19.60 -3.27
CA THR A 125 2.79 -18.44 -4.03
C THR A 125 2.19 -18.38 -5.43
N GLN A 126 2.10 -19.55 -6.10
CA GLN A 126 1.48 -19.59 -7.43
C GLN A 126 0.01 -19.20 -7.38
N LEU A 127 -0.73 -19.73 -6.40
CA LEU A 127 -2.12 -19.41 -6.22
C LEU A 127 -2.34 -17.90 -5.95
N LEU A 128 -1.50 -17.33 -5.08
CA LEU A 128 -1.58 -15.90 -4.77
C LEU A 128 -1.38 -15.08 -6.04
N ALA A 129 -0.34 -15.40 -6.80
CA ALA A 129 -0.02 -14.65 -8.03
C ALA A 129 -1.15 -14.78 -9.05
N GLN A 130 -1.64 -16.01 -9.26
CA GLN A 130 -2.70 -16.25 -10.24
C GLN A 130 -3.98 -15.57 -9.88
N TRP A 131 -4.40 -15.71 -8.61
CA TRP A 131 -5.67 -15.18 -8.17
C TRP A 131 -5.72 -13.65 -8.19
N SER A 132 -4.66 -13.03 -7.69
CA SER A 132 -4.53 -11.59 -7.77
C SER A 132 -4.54 -11.10 -9.24
N GLN A 133 -3.91 -11.84 -10.14
CA GLN A 133 -3.89 -11.46 -11.55
C GLN A 133 -5.28 -11.60 -12.18
N LEU A 134 -6.02 -12.63 -11.77
CA LEU A 134 -7.43 -12.78 -12.14
C LEU A 134 -8.29 -11.62 -11.72
N LEU A 135 -7.92 -10.95 -10.62
CA LEU A 135 -8.63 -9.75 -10.16
C LEU A 135 -8.01 -8.45 -10.72
N GLY A 136 -7.05 -8.56 -11.64
CA GLY A 136 -6.55 -7.42 -12.39
C GLY A 136 -5.15 -6.92 -12.05
N GLU A 137 -4.45 -7.57 -11.11
CA GLU A 137 -3.03 -7.25 -10.90
C GLU A 137 -2.23 -7.76 -12.09
N ILE A 138 -1.03 -7.21 -12.27
CA ILE A 138 0.03 -7.85 -13.04
C ILE A 138 0.95 -8.54 -12.04
N SER A 139 0.86 -9.87 -11.96
CA SER A 139 1.47 -10.63 -10.88
C SER A 139 2.75 -11.32 -11.29
N ALA A 140 3.58 -11.61 -10.29
CA ALA A 140 4.87 -12.24 -10.45
C ALA A 140 5.12 -13.16 -9.28
N VAL A 141 6.11 -14.04 -9.42
CA VAL A 141 6.49 -14.96 -8.38
C VAL A 141 7.98 -14.92 -8.27
N MET A 142 8.46 -15.11 -7.05
CA MET A 142 9.85 -15.36 -6.78
C MET A 142 9.91 -16.56 -5.87
N GLY A 143 10.57 -17.61 -6.34
CA GLY A 143 10.61 -18.87 -5.60
C GLY A 143 11.56 -19.88 -6.19
N THR A 144 11.37 -21.15 -5.78
CA THR A 144 12.37 -22.17 -6.09
C THR A 144 12.32 -22.62 -7.56
N VAL A 145 11.14 -22.53 -8.19
CA VAL A 145 10.97 -22.71 -9.63
C VAL A 145 11.65 -21.58 -10.45
N GLY A 146 11.75 -20.39 -9.85
CA GLY A 146 12.38 -19.23 -10.48
C GLY A 146 11.64 -17.93 -10.20
N ASN A 147 12.00 -16.88 -10.95
CA ASN A 147 11.43 -15.55 -10.83
C ASN A 147 10.86 -15.07 -12.14
N GLY A 148 9.74 -14.34 -12.07
CA GLY A 148 9.20 -13.68 -13.24
C GLY A 148 7.75 -13.34 -13.14
N LEU A 149 7.28 -12.57 -14.14
CA LEU A 149 5.87 -12.38 -14.33
C LEU A 149 5.24 -13.75 -14.56
N LEU A 150 4.00 -13.89 -14.10
CA LEU A 150 3.24 -15.13 -14.23
C LEU A 150 3.31 -15.66 -15.68
N GLY A 151 3.64 -16.95 -15.83
CA GLY A 151 3.81 -17.58 -17.11
C GLY A 151 5.19 -17.42 -17.76
N LYS A 152 6.06 -16.59 -17.14
CA LYS A 152 7.40 -16.30 -17.67
C LYS A 152 8.43 -16.38 -16.55
N VAL A 153 8.25 -17.37 -15.69
CA VAL A 153 9.08 -17.57 -14.51
C VAL A 153 10.34 -18.30 -14.97
N ILE A 154 11.48 -17.59 -14.94
CA ILE A 154 12.77 -18.10 -15.41
C ILE A 154 13.59 -18.63 -14.23
N PRO A 155 14.14 -19.87 -14.30
CA PRO A 155 14.91 -20.44 -13.18
C PRO A 155 16.09 -19.60 -12.66
N GLY A 161 22.08 -16.28 -3.96
CA GLY A 161 20.95 -15.37 -3.85
C GLY A 161 20.99 -14.50 -2.59
N SER A 162 21.78 -13.42 -2.64
CA SER A 162 22.00 -12.52 -1.53
C SER A 162 20.85 -11.54 -1.30
N ALA A 163 20.96 -10.73 -0.24
CA ALA A 163 20.01 -9.63 -0.03
C ALA A 163 19.99 -8.63 -1.20
N VAL A 164 21.13 -8.47 -1.86
CA VAL A 164 21.23 -7.61 -3.03
C VAL A 164 20.45 -8.19 -4.20
N ASP A 165 20.67 -9.47 -4.49
CA ASP A 165 19.97 -10.16 -5.59
C ASP A 165 18.45 -10.11 -5.42
N VAL A 166 17.97 -10.28 -4.18
CA VAL A 166 16.54 -10.26 -3.93
C VAL A 166 15.94 -8.91 -4.32
N GLN A 167 16.61 -7.82 -3.90
CA GLN A 167 16.11 -6.50 -4.16
C GLN A 167 16.19 -6.19 -5.65
N HIS A 168 17.31 -6.60 -6.26
CA HIS A 168 17.56 -6.40 -7.69
C HIS A 168 16.46 -7.06 -8.52
N GLU A 169 16.18 -8.33 -8.17
CA GLU A 169 15.17 -9.11 -8.89
C GLU A 169 13.80 -8.48 -8.72
N LEU A 170 13.47 -8.05 -7.49
CA LEU A 170 12.17 -7.42 -7.23
C LEU A 170 12.03 -6.12 -8.05
N ALA A 171 13.13 -5.35 -8.14
CA ALA A 171 13.18 -4.15 -8.96
C ALA A 171 12.97 -4.46 -10.45
N GLY A 172 13.62 -5.53 -10.93
CA GLY A 172 13.39 -6.04 -12.28
C GLY A 172 11.92 -6.30 -12.58
N LEU A 173 11.23 -6.91 -11.61
CA LEU A 173 9.80 -7.17 -11.74
C LEU A 173 8.99 -5.87 -11.77
N VAL A 174 9.35 -4.92 -10.90
CA VAL A 174 8.66 -3.65 -10.85
C VAL A 174 8.83 -2.98 -12.23
N ASP A 175 10.05 -3.01 -12.76
CA ASP A 175 10.36 -2.44 -14.10
C ASP A 175 9.54 -3.06 -15.22
N GLN A 176 9.22 -4.35 -15.09
CA GLN A 176 8.43 -5.08 -16.06
C GLN A 176 6.92 -4.86 -15.94
N GLY A 177 6.49 -4.10 -14.93
CA GLY A 177 5.09 -3.76 -14.72
C GLY A 177 4.33 -4.50 -13.61
N ALA A 178 5.02 -5.40 -12.89
CA ALA A 178 4.41 -6.16 -11.81
C ALA A 178 3.83 -5.20 -10.77
N THR A 179 2.60 -5.47 -10.35
CA THR A 179 1.93 -4.77 -9.27
C THR A 179 1.72 -5.67 -8.06
N PHE A 180 2.02 -6.97 -8.21
CA PHE A 180 1.86 -7.96 -7.14
C PHE A 180 2.97 -8.98 -7.31
N CYS A 181 3.59 -9.37 -6.20
CA CYS A 181 4.56 -10.45 -6.19
C CYS A 181 4.37 -11.35 -4.99
N ALA A 182 4.26 -12.66 -5.27
CA ALA A 182 4.25 -13.70 -4.28
C ALA A 182 5.63 -14.32 -4.23
N MET A 183 6.26 -14.23 -3.04
CA MET A 183 7.61 -14.66 -2.80
C MET A 183 7.69 -15.78 -1.78
N GLU A 184 8.40 -16.85 -2.14
CA GLU A 184 8.77 -17.88 -1.20
C GLU A 184 9.89 -17.33 -0.32
N VAL A 185 9.71 -17.45 0.99
CA VAL A 185 10.74 -17.07 1.95
C VAL A 185 11.18 -18.30 2.73
N SER A 186 12.44 -18.68 2.54
CA SER A 186 13.02 -19.83 3.22
C SER A 186 13.47 -19.45 4.63
N SER A 187 13.46 -20.44 5.53
CA SER A 187 13.95 -20.24 6.87
C SER A 187 15.38 -19.69 6.81
N HIS A 188 16.20 -20.28 5.92
CA HIS A 188 17.59 -19.90 5.73
C HIS A 188 17.73 -18.45 5.26
N GLY A 189 16.92 -18.06 4.26
CA GLY A 189 16.87 -16.68 3.78
C GLY A 189 16.59 -15.67 4.90
N LEU A 190 15.59 -15.97 5.72
CA LEU A 190 15.20 -15.12 6.84
C LEU A 190 16.36 -14.92 7.80
N VAL A 191 16.94 -16.03 8.27
CA VAL A 191 18.03 -16.02 9.23
C VAL A 191 19.27 -15.25 8.71
N GLN A 192 19.55 -15.38 7.41
CA GLN A 192 20.67 -14.70 6.78
C GLN A 192 20.36 -13.26 6.33
N HIS A 193 19.23 -12.70 6.78
CA HIS A 193 18.85 -11.32 6.55
C HIS A 193 18.63 -10.97 5.07
N ARG A 194 18.27 -11.97 4.27
CA ARG A 194 18.08 -11.79 2.84
C ARG A 194 16.80 -11.05 2.46
N VAL A 195 15.84 -10.96 3.40
CA VAL A 195 14.61 -10.21 3.18
C VAL A 195 14.37 -9.14 4.23
N ALA A 196 15.43 -8.77 4.95
CA ALA A 196 15.36 -7.94 6.14
C ALA A 196 14.61 -6.61 5.93
N ALA A 197 14.79 -5.96 4.78
CA ALA A 197 14.21 -4.64 4.56
C ALA A 197 12.99 -4.63 3.66
N LEU A 198 12.50 -5.80 3.26
CA LEU A 198 11.34 -5.86 2.39
C LEU A 198 10.08 -5.51 3.17
N LYS A 199 9.23 -4.70 2.54
CA LYS A 199 7.94 -4.35 3.08
C LYS A 199 6.92 -5.36 2.58
N PHE A 200 6.68 -6.39 3.39
CA PHE A 200 5.62 -7.38 3.06
C PHE A 200 4.24 -6.80 3.36
N ALA A 201 3.36 -6.84 2.36
CA ALA A 201 1.94 -6.50 2.56
C ALA A 201 1.29 -7.57 3.42
N ALA A 202 1.76 -8.81 3.27
CA ALA A 202 1.26 -9.92 4.03
C ALA A 202 2.29 -11.00 4.08
N SER A 203 2.24 -11.80 5.15
CA SER A 203 3.12 -12.92 5.37
C SER A 203 2.25 -14.12 5.73
N VAL A 204 2.50 -15.23 5.03
CA VAL A 204 1.71 -16.43 5.09
C VAL A 204 2.57 -17.54 5.68
N PHE A 205 2.02 -18.27 6.64
N PHE A 205 2.02 -18.25 6.66
CA PHE A 205 2.72 -19.39 7.27
CA PHE A 205 2.68 -19.41 7.25
C PHE A 205 1.93 -20.67 6.98
C PHE A 205 1.89 -20.67 6.92
N THR A 206 2.53 -21.58 6.18
CA THR A 206 1.89 -22.83 5.78
C THR A 206 1.96 -23.93 6.87
N ASN A 207 3.16 -24.24 7.34
CA ASN A 207 3.39 -25.38 8.25
C ASN A 207 4.85 -25.53 8.59
N LEU A 208 5.11 -26.27 9.67
CA LEU A 208 6.45 -26.52 10.18
C LEU A 208 6.55 -28.02 10.48
N SER A 209 7.14 -28.77 9.55
CA SER A 209 7.68 -30.09 9.81
C SER A 209 9.15 -29.90 10.12
N ARG A 210 9.42 -29.34 11.31
CA ARG A 210 10.78 -29.21 11.85
C ARG A 210 10.93 -30.31 12.86
N ASP A 211 11.64 -31.35 12.43
CA ASP A 211 12.05 -32.43 13.29
C ASP A 211 13.10 -31.87 14.23
N HIS A 212 13.58 -32.73 15.13
CA HIS A 212 14.73 -32.44 15.98
C HIS A 212 14.41 -31.40 17.07
N LEU A 213 13.12 -31.15 17.33
CA LEU A 213 12.68 -30.15 18.31
C LEU A 213 11.86 -30.73 19.48
N ASP A 214 12.06 -32.03 19.76
CA ASP A 214 11.38 -32.73 20.84
C ASP A 214 11.70 -32.22 22.26
N TYR A 215 12.94 -31.73 22.45
CA TYR A 215 13.34 -31.14 23.74
C TYR A 215 12.74 -29.75 23.88
N HIS A 216 12.12 -29.50 25.04
CA HIS A 216 11.34 -28.27 25.26
C HIS A 216 12.24 -27.02 25.21
N GLY A 217 13.48 -27.15 25.71
CA GLY A 217 14.47 -26.09 25.56
C GLY A 217 14.77 -25.78 24.09
N ASP A 218 14.87 -26.84 23.28
CA ASP A 218 15.16 -26.70 21.86
C ASP A 218 14.00 -26.03 21.13
N MET A 219 12.77 -26.51 21.37
CA MET A 219 11.58 -25.87 20.80
C MET A 219 11.48 -24.39 21.25
N GLU A 220 11.85 -24.12 22.50
CA GLU A 220 11.83 -22.77 23.06
C GLU A 220 12.82 -21.84 22.36
N HIS A 221 14.04 -22.32 22.14
CA HIS A 221 15.07 -21.51 21.49
C HIS A 221 14.75 -21.25 20.02
N TYR A 222 14.23 -22.27 19.34
CA TYR A 222 13.87 -22.18 17.93
C TYR A 222 12.78 -21.13 17.79
N GLU A 223 11.71 -21.27 18.59
CA GLU A 223 10.63 -20.31 18.60
C GLU A 223 11.10 -18.90 18.92
N ALA A 224 11.98 -18.76 19.92
CA ALA A 224 12.50 -17.47 20.37
C ALA A 224 13.25 -16.79 19.24
N ALA A 225 14.16 -17.55 18.61
CA ALA A 225 14.91 -17.06 17.47
C ALA A 225 13.99 -16.61 16.33
N LYS A 226 12.97 -17.41 16.01
CA LYS A 226 12.00 -17.04 14.97
C LYS A 226 11.17 -15.82 15.35
N TRP A 227 10.71 -15.75 16.61
CA TRP A 227 9.93 -14.60 17.06
C TRP A 227 10.72 -13.31 16.95
N LEU A 228 11.98 -13.37 17.36
CA LEU A 228 12.88 -12.24 17.31
C LEU A 228 12.98 -11.73 15.86
N LEU A 229 13.25 -12.65 14.93
CA LEU A 229 13.32 -12.34 13.49
C LEU A 229 12.03 -11.71 12.97
N TYR A 230 10.89 -12.35 13.30
CA TYR A 230 9.57 -11.84 12.91
C TYR A 230 9.37 -10.42 13.39
N SER A 231 9.76 -10.14 14.64
CA SER A 231 9.56 -8.83 15.25
C SER A 231 10.38 -7.73 14.56
N GLU A 232 11.48 -8.14 13.91
CA GLU A 232 12.37 -7.21 13.24
C GLU A 232 11.94 -6.93 11.80
N HIS A 233 11.10 -7.80 11.22
CA HIS A 233 10.66 -7.65 9.83
C HIS A 233 9.34 -6.88 9.73
N HIS A 234 9.10 -6.29 8.55
CA HIS A 234 7.83 -5.69 8.21
C HIS A 234 6.97 -6.78 7.55
N CYS A 235 6.23 -7.51 8.37
CA CYS A 235 5.46 -8.67 7.89
C CYS A 235 4.08 -8.36 7.33
N GLY A 236 3.57 -7.15 7.60
CA GLY A 236 2.22 -6.77 7.21
C GLY A 236 1.17 -7.67 7.82
N GLN A 237 0.10 -7.95 7.07
CA GLN A 237 -0.96 -8.87 7.52
C GLN A 237 -0.42 -10.30 7.66
N ALA A 238 -0.61 -10.90 8.83
CA ALA A 238 -0.16 -12.25 9.09
C ALA A 238 -1.33 -13.22 8.86
N ILE A 239 -1.07 -14.26 8.06
CA ILE A 239 -2.04 -15.30 7.75
C ILE A 239 -1.38 -16.62 8.12
N ILE A 240 -2.01 -17.33 9.07
CA ILE A 240 -1.43 -18.50 9.66
C ILE A 240 -2.33 -19.73 9.62
N ASN A 241 -1.75 -20.84 9.18
CA ASN A 241 -2.41 -22.15 9.19
C ASN A 241 -2.57 -22.64 10.63
N ALA A 242 -3.82 -22.59 11.09
CA ALA A 242 -4.18 -23.04 12.44
C ALA A 242 -4.22 -24.55 12.58
N ASP A 243 -4.09 -25.28 11.47
CA ASP A 243 -4.02 -26.73 11.51
C ASP A 243 -2.62 -27.22 11.85
N ASP A 244 -1.66 -26.29 11.90
CA ASP A 244 -0.31 -26.55 12.37
C ASP A 244 -0.19 -26.17 13.85
N GLU A 245 0.44 -27.06 14.63
CA GLU A 245 0.61 -26.90 16.08
C GLU A 245 1.29 -25.59 16.46
N VAL A 246 2.41 -25.30 15.77
CA VAL A 246 3.19 -24.10 16.03
C VAL A 246 2.38 -22.87 15.59
N GLY A 247 1.75 -22.98 14.42
CA GLY A 247 0.76 -22.04 13.95
C GLY A 247 -0.21 -21.60 15.03
N ARG A 248 -0.86 -22.56 15.68
N ARG A 248 -0.86 -22.56 15.69
CA ARG A 248 -1.81 -22.27 16.78
CA ARG A 248 -1.81 -22.26 16.78
C ARG A 248 -1.18 -21.48 17.93
C ARG A 248 -1.18 -21.48 17.93
N ARG A 249 0.04 -21.86 18.33
CA ARG A 249 0.69 -21.18 19.45
C ARG A 249 0.97 -19.72 19.10
N TRP A 250 1.35 -19.47 17.84
CA TRP A 250 1.61 -18.12 17.36
C TRP A 250 0.32 -17.29 17.25
N LEU A 251 -0.73 -17.92 16.69
CA LEU A 251 -2.02 -17.27 16.64
C LEU A 251 -2.54 -16.76 18.00
N ALA A 252 -2.29 -17.55 19.06
CA ALA A 252 -2.66 -17.17 20.44
C ALA A 252 -1.99 -15.88 20.89
N LYS A 253 -0.83 -15.57 20.31
CA LYS A 253 -0.03 -14.36 20.60
C LYS A 253 -0.22 -13.19 19.60
N LEU A 254 -1.00 -13.41 18.54
CA LEU A 254 -1.14 -12.46 17.46
C LEU A 254 -2.63 -12.22 17.20
N PRO A 255 -3.29 -11.35 17.99
CA PRO A 255 -4.75 -11.19 17.91
C PRO A 255 -5.21 -10.62 16.57
N ASP A 256 -4.32 -9.94 15.82
CA ASP A 256 -4.63 -9.40 14.49
C ASP A 256 -4.30 -10.33 13.32
N ALA A 257 -3.75 -11.51 13.60
CA ALA A 257 -3.42 -12.48 12.54
C ALA A 257 -4.71 -13.15 12.10
N VAL A 258 -4.76 -13.64 10.85
CA VAL A 258 -5.89 -14.41 10.37
C VAL A 258 -5.62 -15.90 10.54
N ALA A 259 -6.55 -16.61 11.20
CA ALA A 259 -6.45 -18.04 11.43
C ALA A 259 -7.19 -18.78 10.29
N VAL A 260 -6.51 -19.76 9.71
CA VAL A 260 -7.04 -20.56 8.62
C VAL A 260 -7.00 -22.02 9.00
N SER A 261 -8.11 -22.71 8.75
CA SER A 261 -8.27 -24.10 9.12
C SER A 261 -9.19 -24.86 8.19
N MET A 262 -8.91 -26.14 8.04
CA MET A 262 -9.84 -27.06 7.39
C MET A 262 -10.11 -28.26 8.29
N GLU A 263 -9.60 -28.20 9.53
CA GLU A 263 -9.73 -29.30 10.49
C GLU A 263 -10.24 -28.81 11.84
N ASP A 264 -11.10 -27.79 11.82
CA ASP A 264 -11.79 -27.30 13.02
C ASP A 264 -10.91 -26.73 14.16
N HIS A 265 -9.88 -25.93 13.82
CA HIS A 265 -8.99 -25.33 14.81
C HIS A 265 -9.15 -23.80 14.99
N ILE A 266 -10.21 -23.23 14.43
CA ILE A 266 -10.54 -21.84 14.66
C ILE A 266 -11.15 -21.80 16.07
N ASN A 267 -10.63 -20.90 16.92
CA ASN A 267 -11.30 -20.55 18.17
C ASN A 267 -12.11 -19.25 18.05
N PRO A 268 -13.44 -19.34 17.86
CA PRO A 268 -14.26 -18.15 17.59
C PRO A 268 -14.42 -17.18 18.79
N ASN A 269 -14.03 -17.61 20.01
CA ASN A 269 -14.02 -16.74 21.19
C ASN A 269 -13.06 -15.56 21.09
N CYS A 270 -11.99 -15.70 20.27
N CYS A 270 -12.00 -15.71 20.28
CA CYS A 270 -11.01 -14.64 20.14
CA CYS A 270 -11.00 -14.66 20.08
C CYS A 270 -11.52 -13.42 19.31
C CYS A 270 -11.52 -13.43 19.31
N HIS A 271 -12.66 -13.58 18.61
CA HIS A 271 -13.25 -12.54 17.77
C HIS A 271 -12.24 -11.94 16.73
N GLY A 272 -11.33 -12.78 16.27
CA GLY A 272 -10.33 -12.37 15.32
C GLY A 272 -10.87 -12.68 13.94
N ARG A 273 -10.00 -12.50 12.96
CA ARG A 273 -10.31 -12.81 11.60
C ARG A 273 -9.96 -14.29 11.38
N TRP A 274 -10.84 -14.99 10.65
CA TRP A 274 -10.68 -16.42 10.42
C TRP A 274 -11.35 -16.86 9.13
N LEU A 275 -10.93 -18.04 8.67
CA LEU A 275 -11.47 -18.68 7.48
C LEU A 275 -11.32 -20.17 7.73
N LYS A 276 -12.43 -20.89 7.55
CA LYS A 276 -12.44 -22.33 7.76
C LYS A 276 -13.28 -23.06 6.75
N ALA A 277 -12.74 -24.16 6.23
CA ALA A 277 -13.47 -25.08 5.38
C ALA A 277 -14.37 -25.85 6.32
N THR A 278 -15.68 -25.84 6.03
CA THR A 278 -16.65 -26.57 6.83
C THR A 278 -16.99 -27.95 6.22
N GLU A 279 -16.86 -28.07 4.89
CA GLU A 279 -16.94 -29.37 4.25
C GLU A 279 -16.27 -29.33 2.91
N VAL A 280 -15.63 -30.45 2.57
CA VAL A 280 -14.95 -30.62 1.32
C VAL A 280 -15.41 -31.91 0.68
N ASN A 281 -15.83 -31.84 -0.58
CA ASN A 281 -16.05 -33.01 -1.40
C ASN A 281 -14.89 -33.13 -2.37
N TYR A 282 -14.05 -34.13 -2.16
CA TYR A 282 -12.99 -34.48 -3.09
C TYR A 282 -13.61 -35.34 -4.19
N HIS A 283 -13.66 -34.80 -5.41
CA HIS A 283 -14.34 -35.46 -6.51
C HIS A 283 -13.38 -35.74 -7.64
N ASP A 284 -13.92 -36.25 -8.75
CA ASP A 284 -13.11 -36.80 -9.80
C ASP A 284 -12.33 -35.76 -10.60
N SER A 285 -12.61 -34.46 -10.41
CA SER A 285 -11.89 -33.41 -11.11
C SER A 285 -11.41 -32.24 -10.25
N GLY A 286 -11.43 -32.43 -8.93
CA GLY A 286 -10.99 -31.40 -8.01
C GLY A 286 -11.70 -31.56 -6.69
N ALA A 287 -11.93 -30.42 -6.03
CA ALA A 287 -12.57 -30.37 -4.73
C ALA A 287 -13.57 -29.23 -4.68
N THR A 288 -14.74 -29.53 -4.10
CA THR A 288 -15.76 -28.54 -3.82
C THR A 288 -15.56 -28.19 -2.35
N ILE A 289 -15.21 -26.93 -2.10
CA ILE A 289 -14.84 -26.45 -0.78
C ILE A 289 -15.88 -25.47 -0.28
N ARG A 290 -16.58 -25.85 0.80
CA ARG A 290 -17.51 -24.95 1.48
C ARG A 290 -16.80 -24.39 2.66
N PHE A 291 -16.89 -23.07 2.82
CA PHE A 291 -16.16 -22.35 3.84
C PHE A 291 -16.97 -21.24 4.44
N SER A 292 -16.65 -20.93 5.70
N SER A 292 -16.65 -20.93 5.70
CA SER A 292 -17.14 -19.76 6.41
CA SER A 292 -17.14 -19.76 6.41
C SER A 292 -15.92 -18.90 6.75
C SER A 292 -15.92 -18.90 6.74
N SER A 293 -16.15 -17.59 6.89
CA SER A 293 -15.10 -16.64 7.20
C SER A 293 -15.68 -15.37 7.77
N SER A 294 -14.82 -14.56 8.39
CA SER A 294 -15.25 -13.25 8.87
C SER A 294 -15.63 -12.29 7.75
N TRP A 295 -15.33 -12.65 6.48
CA TRP A 295 -15.70 -11.88 5.33
C TRP A 295 -16.98 -12.33 4.63
N GLY A 296 -17.54 -13.44 5.11
CA GLY A 296 -18.65 -14.10 4.45
C GLY A 296 -18.33 -15.55 4.09
N ASP A 297 -19.37 -16.26 3.66
CA ASP A 297 -19.30 -17.68 3.37
C ASP A 297 -19.39 -17.92 1.88
N GLY A 298 -19.06 -19.15 1.47
CA GLY A 298 -19.05 -19.45 0.06
C GLY A 298 -18.76 -20.88 -0.28
N GLU A 299 -18.70 -21.14 -1.58
CA GLU A 299 -18.35 -22.43 -2.10
C GLU A 299 -17.43 -22.17 -3.28
N ILE A 300 -16.27 -22.85 -3.25
CA ILE A 300 -15.23 -22.79 -4.28
C ILE A 300 -15.16 -24.13 -4.99
N GLU A 301 -15.10 -24.08 -6.32
CA GLU A 301 -14.72 -25.22 -7.15
C GLU A 301 -13.23 -25.11 -7.46
N SER A 302 -12.44 -25.92 -6.76
CA SER A 302 -11.00 -25.99 -6.98
C SER A 302 -10.73 -27.13 -7.94
N HIS A 303 -9.81 -26.89 -8.88
CA HIS A 303 -9.30 -27.90 -9.78
C HIS A 303 -7.95 -28.47 -9.32
N LEU A 304 -7.59 -28.22 -8.04
CA LEU A 304 -6.43 -28.81 -7.41
C LEU A 304 -6.87 -30.05 -6.65
N MET A 305 -5.92 -30.97 -6.45
CA MET A 305 -6.15 -32.28 -5.86
C MET A 305 -5.49 -32.42 -4.50
N GLY A 306 -6.23 -33.07 -3.57
CA GLY A 306 -5.72 -33.47 -2.27
C GLY A 306 -6.02 -32.43 -1.17
N ALA A 307 -5.87 -32.87 0.08
CA ALA A 307 -6.19 -32.03 1.24
C ALA A 307 -5.20 -30.88 1.44
N PHE A 308 -3.92 -31.16 1.19
CA PHE A 308 -2.87 -30.14 1.32
C PHE A 308 -3.14 -28.95 0.38
N ASN A 309 -3.64 -29.22 -0.82
CA ASN A 309 -3.97 -28.15 -1.75
C ASN A 309 -5.26 -27.38 -1.41
N VAL A 310 -6.15 -28.00 -0.63
CA VAL A 310 -7.27 -27.28 -0.04
C VAL A 310 -6.68 -26.25 0.93
N SER A 311 -5.79 -26.71 1.82
CA SER A 311 -5.10 -25.82 2.76
C SER A 311 -4.40 -24.65 2.07
N ASN A 312 -3.58 -24.96 1.05
CA ASN A 312 -2.87 -23.95 0.31
C ASN A 312 -3.83 -22.93 -0.33
N LEU A 313 -4.91 -23.42 -0.91
N LEU A 313 -4.92 -23.42 -0.92
CA LEU A 313 -5.91 -22.55 -1.51
CA LEU A 313 -5.92 -22.57 -1.51
C LEU A 313 -6.59 -21.65 -0.48
C LEU A 313 -6.59 -21.64 -0.48
N LEU A 314 -6.98 -22.20 0.67
CA LEU A 314 -7.58 -21.42 1.73
C LEU A 314 -6.62 -20.32 2.29
N LEU A 315 -5.32 -20.66 2.36
CA LEU A 315 -4.34 -19.68 2.79
C LEU A 315 -4.25 -18.53 1.81
N ALA A 316 -4.24 -18.82 0.52
CA ALA A 316 -4.23 -17.78 -0.49
C ALA A 316 -5.48 -16.93 -0.42
N LEU A 317 -6.64 -17.59 -0.32
CA LEU A 317 -7.94 -16.90 -0.18
C LEU A 317 -7.95 -15.92 1.02
N ALA A 318 -7.58 -16.44 2.20
CA ALA A 318 -7.56 -15.67 3.43
C ALA A 318 -6.62 -14.46 3.30
N THR A 319 -5.46 -14.69 2.66
CA THR A 319 -4.49 -13.62 2.40
C THR A 319 -5.08 -12.51 1.55
N LEU A 320 -5.73 -12.88 0.45
CA LEU A 320 -6.26 -11.89 -0.47
C LEU A 320 -7.46 -11.17 0.17
N LEU A 321 -8.27 -11.89 0.94
CA LEU A 321 -9.35 -11.28 1.68
C LEU A 321 -8.79 -10.23 2.67
N ALA A 322 -7.76 -10.60 3.42
CA ALA A 322 -7.06 -9.73 4.39
C ALA A 322 -6.52 -8.47 3.77
N LEU A 323 -6.10 -8.56 2.51
CA LEU A 323 -5.57 -7.44 1.78
C LEU A 323 -6.65 -6.60 1.12
N GLY A 324 -7.92 -7.06 1.21
CA GLY A 324 -9.05 -6.25 0.79
C GLY A 324 -9.63 -6.59 -0.56
N TYR A 325 -9.18 -7.69 -1.18
CA TYR A 325 -9.76 -8.14 -2.42
C TYR A 325 -11.17 -8.65 -2.11
N PRO A 326 -12.20 -8.25 -2.89
CA PRO A 326 -13.57 -8.57 -2.51
C PRO A 326 -13.89 -10.08 -2.65
N LEU A 327 -14.53 -10.63 -1.64
CA LEU A 327 -14.88 -12.03 -1.63
C LEU A 327 -15.62 -12.45 -2.91
N ALA A 328 -16.59 -11.63 -3.35
CA ALA A 328 -17.41 -12.02 -4.51
C ALA A 328 -16.53 -12.22 -5.75
N ASP A 329 -15.51 -11.37 -5.90
CA ASP A 329 -14.63 -11.46 -7.05
C ASP A 329 -13.70 -12.66 -6.95
N LEU A 330 -13.26 -13.00 -5.73
CA LEU A 330 -12.40 -14.14 -5.52
C LEU A 330 -13.19 -15.42 -5.82
N LEU A 331 -14.43 -15.46 -5.34
CA LEU A 331 -15.30 -16.62 -5.60
C LEU A 331 -15.51 -16.82 -7.10
N LYS A 332 -15.68 -15.73 -7.84
CA LYS A 332 -15.97 -15.76 -9.27
C LYS A 332 -14.79 -16.25 -10.11
N THR A 333 -13.57 -16.16 -9.57
CA THR A 333 -12.35 -16.51 -10.29
C THR A 333 -11.66 -17.80 -9.82
N ALA A 334 -12.14 -18.38 -8.70
CA ALA A 334 -11.50 -19.55 -8.10
C ALA A 334 -11.36 -20.77 -9.05
N ALA A 335 -12.35 -20.95 -9.93
CA ALA A 335 -12.39 -22.08 -10.84
C ALA A 335 -11.30 -21.98 -11.91
N ARG A 336 -10.71 -20.78 -12.05
CA ARG A 336 -9.59 -20.58 -12.93
C ARG A 336 -8.20 -20.82 -12.37
N LEU A 337 -8.10 -21.07 -11.05
CA LEU A 337 -6.82 -21.33 -10.43
C LEU A 337 -6.33 -22.69 -10.92
N GLN A 338 -5.06 -22.76 -11.31
CA GLN A 338 -4.51 -23.98 -11.86
C GLN A 338 -3.49 -24.60 -10.92
N PRO A 339 -3.23 -25.92 -11.03
CA PRO A 339 -2.12 -26.54 -10.32
C PRO A 339 -0.80 -26.04 -10.85
N VAL A 340 0.25 -26.26 -10.05
CA VAL A 340 1.61 -26.14 -10.54
C VAL A 340 1.77 -27.30 -11.53
N CYS A 341 2.33 -27.00 -12.71
CA CYS A 341 2.45 -27.99 -13.78
C CYS A 341 3.12 -29.28 -13.27
N GLY A 342 2.49 -30.43 -13.52
CA GLY A 342 3.02 -31.71 -13.09
C GLY A 342 3.02 -31.95 -11.61
N ARG A 343 2.29 -31.13 -10.84
CA ARG A 343 2.11 -31.33 -9.41
C ARG A 343 0.64 -31.63 -9.14
N MET A 344 0.34 -32.91 -8.86
CA MET A 344 -1.04 -33.39 -8.69
C MET A 344 -1.95 -32.78 -9.74
N GLU A 345 -1.49 -32.79 -10.99
CA GLU A 345 -2.17 -32.17 -12.09
C GLU A 345 -3.22 -33.14 -12.66
N VAL A 346 -4.49 -32.75 -12.57
CA VAL A 346 -5.59 -33.66 -12.91
C VAL A 346 -5.93 -33.53 -14.39
N PHE A 347 -6.22 -34.67 -15.01
CA PHE A 347 -6.67 -34.74 -16.41
C PHE A 347 -7.93 -35.56 -16.42
N THR A 348 -9.00 -34.98 -16.95
CA THR A 348 -10.28 -35.64 -17.03
C THR A 348 -10.87 -35.44 -18.39
N ALA A 349 -11.75 -36.36 -18.77
CA ALA A 349 -12.48 -36.25 -20.02
C ALA A 349 -13.78 -36.99 -19.77
N PRO A 350 -14.87 -36.55 -20.44
CA PRO A 350 -16.18 -37.19 -20.32
C PRO A 350 -16.06 -38.70 -20.35
N GLY A 351 -16.51 -39.35 -19.27
CA GLY A 351 -16.64 -40.79 -19.19
C GLY A 351 -15.38 -41.64 -19.18
N LYS A 352 -14.26 -41.04 -18.76
CA LYS A 352 -12.97 -41.74 -18.66
C LYS A 352 -12.45 -41.70 -17.22
N PRO A 353 -11.49 -42.56 -16.81
CA PRO A 353 -10.92 -42.46 -15.47
C PRO A 353 -10.27 -41.10 -15.31
N THR A 354 -10.22 -40.64 -14.06
CA THR A 354 -9.42 -39.46 -13.71
C THR A 354 -7.97 -39.88 -13.71
N VAL A 355 -7.11 -39.06 -14.32
CA VAL A 355 -5.69 -39.34 -14.32
C VAL A 355 -4.97 -38.13 -13.71
N VAL A 356 -4.05 -38.42 -12.77
CA VAL A 356 -3.29 -37.41 -12.07
C VAL A 356 -1.83 -37.61 -12.44
N VAL A 357 -1.18 -36.56 -12.95
CA VAL A 357 0.25 -36.57 -13.21
C VAL A 357 0.93 -35.83 -12.07
N ASP A 358 1.89 -36.51 -11.43
CA ASP A 358 2.63 -35.91 -10.34
C ASP A 358 4.09 -36.30 -10.44
N TYR A 359 4.93 -35.36 -10.02
CA TYR A 359 6.37 -35.50 -10.07
C TYR A 359 6.96 -36.44 -9.01
N ALA A 360 6.14 -36.88 -8.05
CA ALA A 360 6.58 -37.75 -6.96
C ALA A 360 7.55 -38.82 -7.43
N HIS A 361 8.78 -38.76 -6.90
CA HIS A 361 9.79 -39.75 -7.22
C HIS A 361 10.61 -40.23 -6.01
N THR A 362 10.05 -40.05 -4.81
CA THR A 362 10.66 -40.57 -3.58
C THR A 362 9.57 -41.29 -2.79
N PRO A 363 9.91 -42.17 -1.81
CA PRO A 363 8.88 -42.87 -1.05
C PRO A 363 7.84 -41.95 -0.37
N ASP A 364 8.32 -40.93 0.35
CA ASP A 364 7.46 -39.96 1.03
C ASP A 364 6.53 -39.21 0.06
N ALA A 365 7.08 -38.72 -1.06
CA ALA A 365 6.30 -38.00 -2.08
C ALA A 365 5.25 -38.91 -2.72
N LEU A 366 5.64 -40.15 -3.03
CA LEU A 366 4.71 -41.13 -3.61
C LEU A 366 3.59 -41.47 -2.64
N GLU A 367 3.94 -41.69 -1.37
CA GLU A 367 2.92 -41.93 -0.37
C GLU A 367 1.91 -40.77 -0.28
N LYS A 368 2.43 -39.54 -0.24
CA LYS A 368 1.58 -38.34 -0.13
C LYS A 368 0.66 -38.19 -1.34
N ALA A 369 1.22 -38.43 -2.54
CA ALA A 369 0.51 -38.28 -3.78
C ALA A 369 -0.63 -39.30 -3.87
N LEU A 370 -0.33 -40.54 -3.46
CA LEU A 370 -1.35 -41.60 -3.44
C LEU A 370 -2.48 -41.34 -2.45
N GLN A 371 -2.10 -40.90 -1.24
CA GLN A 371 -3.09 -40.58 -0.22
C GLN A 371 -4.00 -39.43 -0.68
N ALA A 372 -3.40 -38.45 -1.37
CA ALA A 372 -4.16 -37.35 -1.96
C ALA A 372 -5.12 -37.85 -3.05
N ALA A 373 -4.58 -38.64 -3.98
CA ALA A 373 -5.39 -39.22 -5.06
C ALA A 373 -6.55 -40.06 -4.53
N ARG A 374 -6.29 -40.87 -3.49
CA ARG A 374 -7.31 -41.73 -2.89
C ARG A 374 -8.60 -40.95 -2.49
N LEU A 375 -8.42 -39.74 -1.95
CA LEU A 375 -9.57 -38.89 -1.56
C LEU A 375 -10.56 -38.68 -2.69
N HIS A 376 -10.05 -38.58 -3.92
CA HIS A 376 -10.83 -38.30 -5.08
C HIS A 376 -11.34 -39.56 -5.82
N CYS A 377 -11.06 -40.73 -5.26
CA CYS A 377 -11.19 -42.03 -5.92
C CYS A 377 -12.34 -42.85 -5.36
N ALA A 378 -13.43 -42.92 -6.11
CA ALA A 378 -14.60 -43.73 -5.73
C ALA A 378 -14.35 -45.23 -6.02
N GLY A 379 -13.56 -45.51 -7.06
CA GLY A 379 -13.27 -46.88 -7.47
C GLY A 379 -11.91 -47.35 -7.00
N LYS A 380 -11.12 -47.87 -7.95
CA LYS A 380 -9.78 -48.36 -7.71
C LYS A 380 -8.73 -47.27 -8.00
N LEU A 381 -7.68 -47.25 -7.20
CA LEU A 381 -6.57 -46.35 -7.39
C LEU A 381 -5.40 -47.14 -8.03
N TRP A 382 -5.00 -46.70 -9.23
CA TRP A 382 -3.85 -47.22 -9.96
C TRP A 382 -2.64 -46.33 -9.78
N CYS A 383 -1.46 -46.92 -9.68
CA CYS A 383 -0.20 -46.19 -9.57
C CYS A 383 0.79 -46.68 -10.62
N VAL A 384 1.10 -45.81 -11.59
CA VAL A 384 2.09 -46.10 -12.62
C VAL A 384 3.36 -45.38 -12.24
N PHE A 385 4.44 -46.13 -12.08
CA PHE A 385 5.69 -45.52 -11.64
C PHE A 385 6.88 -46.43 -11.95
N GLY A 386 8.07 -45.84 -11.90
CA GLY A 386 9.35 -46.52 -12.00
C GLY A 386 10.34 -45.73 -11.18
N CYS A 387 11.61 -46.13 -11.26
CA CYS A 387 12.71 -45.44 -10.57
C CYS A 387 13.88 -45.21 -11.52
N GLY A 388 14.62 -44.12 -11.30
CA GLY A 388 15.70 -43.73 -12.17
C GLY A 388 16.85 -44.72 -12.07
N GLY A 389 17.49 -44.98 -13.22
CA GLY A 389 18.63 -45.88 -13.29
C GLY A 389 19.91 -45.11 -13.00
N ASP A 390 20.98 -45.83 -12.61
CA ASP A 390 22.29 -45.22 -12.33
C ASP A 390 22.26 -44.11 -11.24
N ARG A 391 21.44 -44.38 -10.23
CA ARG A 391 21.25 -43.50 -9.08
C ARG A 391 21.06 -44.39 -7.86
N ASP A 392 21.01 -43.79 -6.67
CA ASP A 392 20.82 -44.50 -5.42
C ASP A 392 19.63 -45.46 -5.54
N LYS A 393 19.86 -46.73 -5.19
CA LYS A 393 18.93 -47.82 -5.41
C LYS A 393 18.05 -48.08 -4.20
N GLY A 394 18.38 -47.45 -3.07
CA GLY A 394 17.72 -47.71 -1.81
C GLY A 394 16.25 -47.40 -1.78
N LYS A 395 15.83 -46.35 -2.52
CA LYS A 395 14.41 -45.97 -2.56
C LYS A 395 13.51 -47.00 -3.27
N ARG A 396 14.12 -47.86 -4.10
CA ARG A 396 13.37 -48.75 -4.98
C ARG A 396 12.39 -49.69 -4.27
N PRO A 397 12.83 -50.55 -3.31
CA PRO A 397 11.90 -51.41 -2.60
C PRO A 397 10.91 -50.63 -1.74
N LEU A 398 11.33 -49.45 -1.24
CA LEU A 398 10.46 -48.56 -0.46
C LEU A 398 9.30 -48.02 -1.32
N MET A 399 9.60 -47.63 -2.56
CA MET A 399 8.54 -47.17 -3.49
C MET A 399 7.60 -48.31 -3.88
N GLY A 400 8.15 -49.52 -4.05
CA GLY A 400 7.32 -50.69 -4.25
C GLY A 400 6.37 -50.97 -3.12
N ALA A 401 6.87 -50.97 -1.88
CA ALA A 401 6.01 -51.22 -0.70
C ALA A 401 4.90 -50.18 -0.61
N ILE A 402 5.23 -48.91 -0.88
CA ILE A 402 4.26 -47.80 -0.84
C ILE A 402 3.18 -47.97 -1.88
N ALA A 403 3.59 -48.23 -3.12
CA ALA A 403 2.63 -48.48 -4.20
C ALA A 403 1.69 -49.63 -3.90
N GLU A 404 2.23 -50.72 -3.34
CA GLU A 404 1.42 -51.90 -2.99
C GLU A 404 0.40 -51.58 -1.88
N GLU A 405 0.83 -50.80 -0.88
CA GLU A 405 -0.01 -50.45 0.26
C GLU A 405 -1.09 -49.42 -0.05
N PHE A 406 -0.70 -48.33 -0.71
CA PHE A 406 -1.58 -47.18 -0.91
C PHE A 406 -2.35 -47.14 -2.22
N ALA A 407 -1.96 -47.97 -3.19
CA ALA A 407 -2.74 -48.14 -4.39
C ALA A 407 -3.42 -49.51 -4.37
N ASP A 408 -4.45 -49.65 -5.20
CA ASP A 408 -5.12 -50.91 -5.47
C ASP A 408 -4.43 -51.70 -6.60
N VAL A 409 -3.96 -50.98 -7.64
CA VAL A 409 -3.19 -51.58 -8.73
C VAL A 409 -1.86 -50.86 -8.91
N ALA A 410 -0.75 -51.59 -8.77
CA ALA A 410 0.59 -51.05 -9.01
C ALA A 410 1.06 -51.48 -10.38
N VAL A 411 1.34 -50.51 -11.24
CA VAL A 411 1.89 -50.76 -12.57
C VAL A 411 3.33 -50.26 -12.58
N VAL A 412 4.30 -51.19 -12.50
CA VAL A 412 5.71 -50.83 -12.44
C VAL A 412 6.30 -50.77 -13.83
N THR A 413 6.97 -49.65 -14.13
CA THR A 413 7.49 -49.41 -15.47
C THR A 413 8.82 -48.70 -15.38
N ASP A 414 9.28 -48.17 -16.52
CA ASP A 414 10.54 -47.46 -16.62
C ASP A 414 10.39 -45.96 -16.37
N ASP A 415 11.44 -45.37 -15.82
CA ASP A 415 11.53 -43.94 -15.57
C ASP A 415 13.01 -43.54 -15.58
N ASN A 416 13.49 -43.05 -16.72
CA ASN A 416 14.89 -42.72 -16.92
C ASN A 416 15.83 -43.84 -16.50
N PRO A 417 15.72 -45.04 -17.13
CA PRO A 417 16.60 -46.16 -16.78
C PRO A 417 18.09 -45.87 -17.10
N ARG A 418 18.35 -44.89 -17.96
CA ARG A 418 19.71 -44.46 -18.32
C ARG A 418 20.45 -45.68 -18.85
N THR A 419 21.64 -46.00 -18.31
CA THR A 419 22.43 -47.14 -18.80
C THR A 419 22.25 -48.42 -17.99
N GLU A 420 21.40 -48.38 -16.96
CA GLU A 420 21.11 -49.55 -16.14
C GLU A 420 20.07 -50.43 -16.84
N GLU A 421 20.24 -51.75 -16.73
CA GLU A 421 19.28 -52.71 -17.26
C GLU A 421 17.89 -52.39 -16.71
N PRO A 422 16.91 -51.97 -17.56
CA PRO A 422 15.59 -51.55 -17.04
C PRO A 422 14.91 -52.55 -16.12
N ARG A 423 14.93 -53.83 -16.52
CA ARG A 423 14.30 -54.87 -15.71
C ARG A 423 14.94 -55.03 -14.33
N ALA A 424 16.23 -54.76 -14.20
CA ALA A 424 16.91 -54.86 -12.89
C ALA A 424 16.32 -53.85 -11.91
N ILE A 425 16.01 -52.65 -12.42
CA ILE A 425 15.41 -51.58 -11.60
C ILE A 425 14.05 -52.05 -11.13
N ILE A 426 13.25 -52.57 -12.06
CA ILE A 426 11.94 -53.09 -11.76
C ILE A 426 12.03 -54.20 -10.70
N ASN A 427 12.99 -55.11 -10.85
CA ASN A 427 13.20 -56.17 -9.86
C ASN A 427 13.44 -55.64 -8.42
N ASP A 428 14.25 -54.58 -8.29
CA ASP A 428 14.55 -53.95 -7.01
C ASP A 428 13.27 -53.39 -6.37
N ILE A 429 12.37 -52.88 -7.23
CA ILE A 429 11.10 -52.32 -6.81
C ILE A 429 10.21 -53.42 -6.29
N LEU A 430 10.06 -54.49 -7.08
CA LEU A 430 9.21 -55.62 -6.75
C LEU A 430 9.69 -56.31 -5.46
N ALA A 431 11.00 -56.32 -5.25
CA ALA A 431 11.64 -56.92 -4.06
C ALA A 431 11.07 -56.35 -2.75
N GLY A 432 10.64 -55.09 -2.79
CA GLY A 432 10.07 -54.42 -1.64
C GLY A 432 8.63 -54.74 -1.34
N MET A 433 7.98 -55.52 -2.22
CA MET A 433 6.58 -55.87 -2.07
C MET A 433 6.38 -57.19 -1.31
N LEU A 434 5.27 -57.27 -0.58
CA LEU A 434 4.83 -58.49 0.09
C LEU A 434 4.34 -59.50 -0.95
N ASP A 435 3.69 -59.00 -2.00
CA ASP A 435 3.12 -59.84 -3.03
C ASP A 435 3.39 -59.26 -4.41
N ALA A 436 4.63 -59.39 -4.85
CA ALA A 436 5.09 -58.88 -6.15
C ALA A 436 4.28 -59.40 -7.33
N GLY A 437 3.78 -60.63 -7.20
CA GLY A 437 2.98 -61.27 -8.21
C GLY A 437 1.67 -60.57 -8.51
N HIS A 438 1.19 -59.76 -7.56
CA HIS A 438 -0.01 -58.93 -7.71
C HIS A 438 0.24 -57.59 -8.46
N ALA A 439 1.50 -57.14 -8.48
CA ALA A 439 1.91 -55.98 -9.26
C ALA A 439 1.87 -56.29 -10.75
N LYS A 440 1.52 -55.30 -11.57
CA LYS A 440 1.65 -55.40 -13.01
C LYS A 440 2.99 -54.82 -13.35
N VAL A 441 3.67 -55.44 -14.32
CA VAL A 441 4.88 -54.88 -14.86
C VAL A 441 4.64 -54.67 -16.35
N MET A 442 4.96 -53.48 -16.84
CA MET A 442 4.91 -53.23 -18.26
C MET A 442 5.98 -52.24 -18.63
N GLU A 443 6.80 -52.66 -19.59
CA GLU A 443 7.91 -51.87 -20.03
C GLU A 443 7.62 -51.23 -21.38
N GLY A 444 8.29 -50.10 -21.57
CA GLY A 444 7.78 -49.01 -22.32
C GLY A 444 6.88 -48.30 -21.32
N ARG A 445 7.31 -47.11 -20.90
CA ARG A 445 6.50 -46.26 -20.01
C ARG A 445 5.18 -45.89 -20.66
N ALA A 446 5.24 -45.49 -21.94
CA ALA A 446 4.01 -45.09 -22.64
C ALA A 446 2.98 -46.24 -22.64
N GLU A 447 3.46 -47.46 -22.86
CA GLU A 447 2.61 -48.64 -22.86
C GLU A 447 1.99 -48.90 -21.46
N ALA A 448 2.80 -48.67 -20.41
CA ALA A 448 2.34 -48.85 -19.02
C ALA A 448 1.25 -47.85 -18.68
N VAL A 449 1.48 -46.57 -19.01
CA VAL A 449 0.49 -45.52 -18.80
C VAL A 449 -0.80 -45.92 -19.56
N THR A 450 -0.64 -46.34 -20.83
CA THR A 450 -1.77 -46.71 -21.65
C THR A 450 -2.58 -47.86 -21.05
N CYS A 451 -1.87 -48.87 -20.58
CA CYS A 451 -2.45 -50.01 -19.92
C CYS A 451 -3.35 -49.62 -18.75
N ALA A 452 -2.85 -48.74 -17.87
CA ALA A 452 -3.65 -48.25 -16.75
C ALA A 452 -4.85 -47.45 -17.21
N VAL A 453 -4.63 -46.48 -18.11
CA VAL A 453 -5.67 -45.55 -18.51
C VAL A 453 -6.81 -46.30 -19.23
N MET A 454 -6.44 -47.23 -20.10
CA MET A 454 -7.41 -47.96 -20.91
C MET A 454 -8.18 -49.01 -20.13
N GLN A 455 -7.56 -49.60 -19.11
CA GLN A 455 -8.22 -50.60 -18.27
C GLN A 455 -9.00 -50.03 -17.12
N ALA A 456 -8.56 -48.87 -16.60
CA ALA A 456 -9.21 -48.27 -15.44
C ALA A 456 -10.66 -47.96 -15.76
N LYS A 457 -11.55 -48.20 -14.79
CA LYS A 457 -12.96 -47.84 -14.88
C LYS A 457 -13.19 -46.33 -14.76
N GLU A 458 -14.39 -45.91 -15.14
CA GLU A 458 -14.78 -44.51 -15.16
C GLU A 458 -14.54 -43.79 -13.83
N ASN A 459 -14.73 -44.51 -12.73
CA ASN A 459 -14.68 -43.93 -11.39
C ASN A 459 -13.36 -44.26 -10.67
N ASP A 460 -12.40 -44.78 -11.45
CA ASP A 460 -11.06 -45.06 -10.97
C ASP A 460 -10.23 -43.77 -11.10
N VAL A 461 -9.10 -43.77 -10.41
CA VAL A 461 -8.09 -42.73 -10.52
C VAL A 461 -6.78 -43.44 -10.82
N VAL A 462 -6.05 -42.93 -11.81
CA VAL A 462 -4.71 -43.36 -12.15
C VAL A 462 -3.71 -42.26 -11.81
N LEU A 463 -2.80 -42.55 -10.89
CA LEU A 463 -1.69 -41.69 -10.59
C LEU A 463 -0.51 -42.12 -11.46
N VAL A 464 0.00 -41.17 -12.27
CA VAL A 464 1.18 -41.35 -13.10
C VAL A 464 2.27 -40.52 -12.47
N ALA A 465 3.18 -41.21 -11.78
CA ALA A 465 4.16 -40.59 -10.91
C ALA A 465 5.57 -40.65 -11.44
N GLY A 466 6.32 -39.58 -11.15
CA GLY A 466 7.77 -39.58 -11.26
C GLY A 466 8.36 -38.60 -12.24
N LYS A 467 7.53 -38.04 -13.12
CA LYS A 467 8.01 -37.12 -14.14
C LYS A 467 7.44 -35.71 -14.06
N GLY A 468 6.17 -35.59 -13.63
CA GLY A 468 5.52 -34.30 -13.56
C GLY A 468 5.54 -33.59 -14.91
N HIS A 469 6.20 -32.43 -14.93
CA HIS A 469 6.35 -31.53 -16.08
C HIS A 469 7.39 -31.99 -17.10
N GLU A 470 8.29 -32.89 -16.69
CA GLU A 470 9.43 -33.28 -17.51
C GLU A 470 8.95 -33.91 -18.81
N ASP A 471 9.65 -33.59 -19.89
CA ASP A 471 9.28 -34.03 -21.23
C ASP A 471 10.37 -34.87 -21.88
N TYR A 472 11.05 -35.70 -21.07
CA TYR A 472 12.05 -36.62 -21.58
C TYR A 472 12.05 -37.95 -20.84
N GLN A 473 12.53 -38.98 -21.55
CA GLN A 473 12.80 -40.30 -20.99
C GLN A 473 14.25 -40.64 -21.43
N ILE A 474 15.14 -40.77 -20.46
CA ILE A 474 16.53 -41.10 -20.72
C ILE A 474 16.71 -42.61 -20.77
N VAL A 475 16.96 -43.12 -21.99
CA VAL A 475 17.23 -44.54 -22.25
C VAL A 475 18.60 -44.61 -22.92
N GLY A 476 19.56 -45.24 -22.24
CA GLY A 476 20.95 -45.25 -22.64
C GLY A 476 21.54 -43.88 -22.43
N ASN A 477 22.08 -43.30 -23.51
CA ASN A 477 22.58 -41.95 -23.53
C ASN A 477 21.60 -41.00 -24.24
N GLN A 478 20.49 -41.56 -24.73
CA GLN A 478 19.48 -40.83 -25.50
C GLN A 478 18.42 -40.18 -24.60
N ARG A 479 18.18 -38.89 -24.86
CA ARG A 479 17.12 -38.13 -24.23
C ARG A 479 15.96 -38.16 -25.22
N LEU A 480 15.08 -39.15 -25.03
CA LEU A 480 13.93 -39.34 -25.90
C LEU A 480 12.83 -38.36 -25.53
N ASP A 481 12.14 -37.86 -26.57
CA ASP A 481 11.03 -36.93 -26.40
C ASP A 481 9.86 -37.78 -25.90
N TYR A 482 9.43 -37.50 -24.66
CA TYR A 482 8.36 -38.22 -24.03
C TYR A 482 7.80 -37.37 -22.89
N SER A 483 6.47 -37.29 -22.81
CA SER A 483 5.76 -36.58 -21.77
C SER A 483 4.60 -37.43 -21.25
N ASP A 484 4.56 -37.67 -19.94
CA ASP A 484 3.42 -38.26 -19.30
C ASP A 484 2.17 -37.41 -19.56
N ARG A 485 2.31 -36.07 -19.46
CA ARG A 485 1.17 -35.17 -19.62
C ARG A 485 0.55 -35.31 -21.02
N VAL A 486 1.41 -35.27 -22.05
CA VAL A 486 0.99 -35.42 -23.43
C VAL A 486 0.40 -36.81 -23.68
N THR A 487 1.06 -37.85 -23.14
CA THR A 487 0.58 -39.22 -23.32
C THR A 487 -0.83 -39.38 -22.76
N VAL A 488 -1.01 -38.91 -21.51
CA VAL A 488 -2.29 -38.99 -20.83
C VAL A 488 -3.36 -38.17 -21.59
N ALA A 489 -2.99 -36.94 -21.98
CA ALA A 489 -3.90 -36.05 -22.71
C ALA A 489 -4.43 -36.72 -23.99
N ARG A 490 -3.52 -37.30 -24.77
CA ARG A 490 -3.87 -37.97 -26.02
C ARG A 490 -4.79 -39.14 -25.77
N LEU A 491 -4.50 -39.94 -24.74
CA LEU A 491 -5.35 -41.08 -24.39
C LEU A 491 -6.77 -40.67 -23.98
N LEU A 492 -6.89 -39.52 -23.31
CA LEU A 492 -8.18 -39.05 -22.82
C LEU A 492 -8.91 -38.19 -23.88
N GLY A 493 -8.20 -37.84 -24.96
CA GLY A 493 -8.73 -36.98 -26.02
C GLY A 493 -8.85 -35.53 -25.57
N VAL A 494 -7.89 -35.07 -24.76
CA VAL A 494 -7.83 -33.69 -24.28
C VAL A 494 -6.49 -33.09 -24.63
N ILE A 495 -6.30 -31.81 -24.28
CA ILE A 495 -5.08 -31.06 -24.64
C ILE A 495 -4.27 -30.77 -23.37
N ALA A 496 -3.00 -31.20 -23.37
CA ALA A 496 -2.07 -30.95 -22.27
C ALA A 496 -1.55 -29.52 -22.40
N ARG B 5 -17.76 -1.38 -17.11
CA ARG B 5 -18.68 -1.24 -15.94
C ARG B 5 -20.00 -1.96 -16.20
N ASN B 6 -20.38 -2.85 -15.26
CA ASN B 6 -21.52 -3.75 -15.43
C ASN B 6 -22.30 -3.83 -14.14
N LEU B 7 -23.63 -3.73 -14.24
CA LEU B 7 -24.50 -3.75 -13.08
C LEU B 7 -24.30 -4.99 -12.22
N ARG B 8 -24.14 -6.15 -12.87
CA ARG B 8 -24.04 -7.43 -12.16
C ARG B 8 -22.75 -7.47 -11.31
N ASP B 9 -21.64 -7.10 -11.94
CA ASP B 9 -20.35 -7.02 -11.26
C ASP B 9 -20.36 -5.93 -10.19
N LEU B 10 -20.95 -4.75 -10.52
CA LEU B 10 -21.06 -3.67 -9.55
C LEU B 10 -21.67 -4.17 -8.25
N LEU B 11 -22.78 -4.92 -8.36
CA LEU B 11 -23.59 -5.27 -7.20
C LEU B 11 -23.24 -6.62 -6.58
N ALA B 12 -22.31 -7.36 -7.20
CA ALA B 12 -21.95 -8.71 -6.76
C ALA B 12 -21.69 -8.87 -5.26
N PRO B 13 -21.00 -7.93 -4.57
CA PRO B 13 -20.79 -8.08 -3.13
C PRO B 13 -22.07 -8.07 -2.29
N TRP B 14 -23.13 -7.46 -2.83
CA TRP B 14 -24.35 -7.18 -2.07
C TRP B 14 -25.60 -7.87 -2.61
N VAL B 15 -25.73 -7.93 -3.93
CA VAL B 15 -26.92 -8.49 -4.59
C VAL B 15 -26.46 -9.54 -5.61
N PRO B 16 -26.51 -10.84 -5.25
CA PRO B 16 -25.92 -11.89 -6.10
C PRO B 16 -26.63 -12.08 -7.45
N ASP B 17 -27.94 -11.88 -7.49
CA ASP B 17 -28.74 -12.20 -8.67
C ASP B 17 -28.94 -11.05 -9.67
N ALA B 18 -28.23 -9.94 -9.48
CA ALA B 18 -28.43 -8.72 -10.27
C ALA B 18 -28.20 -8.97 -11.75
N PRO B 19 -29.06 -8.42 -12.64
CA PRO B 19 -28.89 -8.62 -14.08
C PRO B 19 -27.65 -7.96 -14.64
N SER B 20 -27.14 -8.55 -15.72
CA SER B 20 -26.01 -8.00 -16.44
C SER B 20 -26.49 -6.88 -17.37
N ARG B 21 -25.88 -5.70 -17.22
CA ARG B 21 -26.17 -4.51 -18.03
C ARG B 21 -24.95 -3.63 -18.06
N ALA B 22 -24.52 -3.23 -19.25
CA ALA B 22 -23.40 -2.31 -19.39
C ALA B 22 -23.85 -0.95 -18.87
N LEU B 23 -22.93 -0.25 -18.20
CA LEU B 23 -23.21 1.03 -17.56
C LEU B 23 -22.20 2.03 -18.02
N ARG B 24 -22.62 3.29 -18.17
CA ARG B 24 -21.77 4.37 -18.63
C ARG B 24 -21.26 5.12 -17.40
N GLU B 25 -22.03 6.09 -16.92
CA GLU B 25 -21.65 6.89 -15.77
C GLU B 25 -22.67 6.66 -14.66
N MET B 26 -22.28 7.04 -13.45
CA MET B 26 -23.12 6.93 -12.26
C MET B 26 -23.49 8.34 -11.88
N THR B 27 -24.79 8.61 -11.70
CA THR B 27 -25.25 9.95 -11.34
C THR B 27 -26.46 9.93 -10.39
N LEU B 28 -26.52 10.94 -9.51
CA LEU B 28 -27.63 11.17 -8.59
C LEU B 28 -28.63 12.18 -9.14
N ASP B 29 -28.29 12.80 -10.28
CA ASP B 29 -29.08 13.90 -10.85
C ASP B 29 -29.78 13.44 -12.12
N SER B 30 -31.12 13.29 -12.02
CA SER B 30 -31.97 12.84 -13.12
C SER B 30 -31.92 13.73 -14.37
N ARG B 31 -31.60 15.01 -14.18
CA ARG B 31 -31.53 15.97 -15.29
C ARG B 31 -30.43 15.64 -16.29
N VAL B 32 -29.26 15.25 -15.78
CA VAL B 32 -28.12 14.88 -16.63
C VAL B 32 -28.04 13.38 -16.93
N ALA B 33 -28.90 12.58 -16.28
CA ALA B 33 -28.96 11.14 -16.48
C ALA B 33 -29.28 10.81 -17.94
N ALA B 34 -28.27 10.27 -18.65
CA ALA B 34 -28.32 9.99 -20.09
C ALA B 34 -28.40 8.49 -20.41
N ALA B 35 -28.50 8.18 -21.71
CA ALA B 35 -28.53 6.82 -22.22
C ALA B 35 -27.37 6.01 -21.66
N GLY B 36 -27.69 4.81 -21.14
CA GLY B 36 -26.68 3.89 -20.64
C GLY B 36 -26.17 4.16 -19.22
N ASP B 37 -26.60 5.26 -18.61
CA ASP B 37 -26.17 5.61 -17.24
C ASP B 37 -26.80 4.73 -16.15
N LEU B 38 -26.14 4.71 -15.00
CA LEU B 38 -26.75 4.24 -13.78
C LEU B 38 -27.24 5.45 -13.00
N PHE B 39 -28.55 5.52 -12.76
CA PHE B 39 -29.15 6.57 -11.97
C PHE B 39 -29.32 6.01 -10.55
N VAL B 40 -28.88 6.78 -9.56
CA VAL B 40 -29.00 6.37 -8.17
C VAL B 40 -29.98 7.32 -7.53
N ALA B 41 -31.07 6.74 -7.02
CA ALA B 41 -32.22 7.50 -6.53
C ALA B 41 -32.20 7.48 -5.01
N VAL B 42 -31.74 8.59 -4.42
CA VAL B 42 -31.53 8.71 -2.97
C VAL B 42 -32.53 9.67 -2.35
N VAL B 43 -32.80 9.47 -1.05
CA VAL B 43 -33.64 10.36 -0.25
C VAL B 43 -32.71 11.26 0.51
N GLY B 44 -32.91 12.57 0.38
CA GLY B 44 -32.01 13.56 0.98
C GLY B 44 -32.58 14.94 1.21
N ALA B 47 -35.67 16.33 -0.80
CA ALA B 47 -35.82 15.74 -2.13
C ALA B 47 -35.70 14.21 -2.12
N ASP B 48 -36.59 13.55 -2.88
CA ASP B 48 -36.62 12.11 -3.04
C ASP B 48 -36.38 11.77 -4.51
N GLY B 49 -35.20 11.20 -4.80
CA GLY B 49 -34.81 10.82 -6.14
C GLY B 49 -35.69 9.78 -6.80
N ARG B 50 -36.37 8.95 -5.99
CA ARG B 50 -37.29 7.94 -6.50
C ARG B 50 -38.43 8.56 -7.34
N ARG B 51 -38.86 9.77 -6.98
CA ARG B 51 -39.88 10.46 -7.75
C ARG B 51 -39.46 10.72 -9.20
N TYR B 52 -38.14 10.74 -9.47
CA TYR B 52 -37.62 10.98 -10.81
C TYR B 52 -37.22 9.71 -11.57
N ILE B 53 -37.62 8.53 -11.07
CA ILE B 53 -37.39 7.25 -11.76
C ILE B 53 -37.98 7.26 -13.17
N PRO B 54 -39.26 7.66 -13.37
CA PRO B 54 -39.85 7.69 -14.71
C PRO B 54 -39.06 8.57 -15.69
N GLN B 55 -38.66 9.77 -15.24
CA GLN B 55 -37.87 10.70 -16.06
C GLN B 55 -36.54 10.08 -16.50
N ALA B 56 -35.85 9.44 -15.55
CA ALA B 56 -34.57 8.78 -15.81
C ALA B 56 -34.74 7.65 -16.83
N ILE B 57 -35.80 6.86 -16.65
CA ILE B 57 -36.12 5.78 -17.57
C ILE B 57 -36.38 6.36 -18.97
N ALA B 58 -37.23 7.39 -19.03
CA ALA B 58 -37.56 8.10 -20.28
C ALA B 58 -36.31 8.64 -21.00
N GLN B 59 -35.28 9.01 -20.22
CA GLN B 59 -34.01 9.47 -20.78
C GLN B 59 -33.04 8.33 -21.14
N GLY B 60 -33.47 7.08 -20.94
CA GLY B 60 -32.75 5.90 -21.39
C GLY B 60 -31.64 5.35 -20.50
N VAL B 61 -31.71 5.62 -19.18
CA VAL B 61 -30.73 5.04 -18.26
C VAL B 61 -30.75 3.52 -18.41
N ALA B 62 -29.58 2.89 -18.26
CA ALA B 62 -29.46 1.42 -18.29
C ALA B 62 -29.99 0.73 -17.05
N ALA B 63 -29.88 1.39 -15.89
CA ALA B 63 -30.27 0.80 -14.63
C ALA B 63 -30.40 1.84 -13.56
N ILE B 64 -31.08 1.48 -12.48
CA ILE B 64 -31.36 2.35 -11.37
C ILE B 64 -31.13 1.59 -10.06
N ILE B 65 -30.44 2.25 -9.12
CA ILE B 65 -30.32 1.77 -7.76
C ILE B 65 -31.07 2.79 -6.90
N ALA B 66 -31.98 2.30 -6.05
CA ALA B 66 -32.90 3.16 -5.31
C ALA B 66 -32.98 2.84 -3.82
N GLU B 67 -33.22 3.87 -3.00
CA GLU B 67 -33.46 3.70 -1.57
C GLU B 67 -34.66 2.78 -1.38
N ALA B 68 -34.51 1.77 -0.50
CA ALA B 68 -35.56 0.80 -0.22
C ALA B 68 -36.61 1.25 0.83
N LYS B 69 -36.24 2.24 1.65
CA LYS B 69 -37.08 2.69 2.78
C LYS B 69 -38.52 2.97 2.33
N ASP B 70 -39.47 2.23 2.92
CA ASP B 70 -40.92 2.38 2.70
C ASP B 70 -41.44 1.81 1.37
N GLU B 71 -40.51 1.35 0.51
CA GLU B 71 -40.84 0.99 -0.86
C GLU B 71 -40.56 -0.46 -1.15
N ALA B 72 -39.46 -1.01 -0.62
CA ALA B 72 -39.04 -2.36 -0.95
C ALA B 72 -38.13 -2.93 0.11
N THR B 73 -37.79 -4.21 -0.02
CA THR B 73 -36.82 -4.84 0.85
C THR B 73 -35.41 -4.70 0.26
N ASP B 74 -34.41 -4.78 1.14
CA ASP B 74 -33.00 -4.66 0.76
C ASP B 74 -32.65 -5.74 -0.25
N GLY B 75 -32.14 -5.32 -1.41
CA GLY B 75 -31.71 -6.24 -2.45
C GLY B 75 -32.84 -6.63 -3.40
N GLU B 76 -34.02 -6.02 -3.23
CA GLU B 76 -35.14 -6.35 -4.11
C GLU B 76 -34.83 -5.85 -5.51
N ILE B 77 -34.93 -6.76 -6.49
CA ILE B 77 -34.75 -6.45 -7.89
C ILE B 77 -36.13 -6.34 -8.57
N ARG B 78 -36.44 -5.15 -9.11
CA ARG B 78 -37.63 -4.90 -9.91
C ARG B 78 -37.23 -4.48 -11.32
N GLU B 79 -38.24 -4.28 -12.19
CA GLU B 79 -37.99 -3.96 -13.59
C GLU B 79 -39.13 -3.06 -14.05
N MET B 80 -38.78 -1.90 -14.64
CA MET B 80 -39.76 -0.97 -15.21
C MET B 80 -39.32 -0.60 -16.61
N HIS B 81 -40.17 -0.89 -17.59
CA HIS B 81 -39.92 -0.56 -19.00
C HIS B 81 -38.58 -1.13 -19.49
N GLY B 82 -38.27 -2.33 -18.99
CA GLY B 82 -37.07 -3.05 -19.33
C GLY B 82 -35.82 -2.55 -18.62
N VAL B 83 -36.00 -1.65 -17.64
CA VAL B 83 -34.88 -1.11 -16.86
C VAL B 83 -34.89 -1.74 -15.47
N PRO B 84 -33.79 -2.41 -15.05
CA PRO B 84 -33.71 -2.94 -13.68
C PRO B 84 -33.66 -1.78 -12.67
N VAL B 85 -34.44 -1.90 -11.60
CA VAL B 85 -34.44 -0.99 -10.47
C VAL B 85 -34.14 -1.88 -9.27
N ILE B 86 -32.95 -1.68 -8.68
CA ILE B 86 -32.52 -2.47 -7.54
C ILE B 86 -32.55 -1.59 -6.30
N TYR B 87 -33.23 -2.07 -5.26
CA TYR B 87 -33.46 -1.32 -4.04
C TYR B 87 -32.48 -1.76 -2.95
N LEU B 88 -31.91 -0.77 -2.26
CA LEU B 88 -30.93 -1.01 -1.22
C LEU B 88 -31.34 -0.20 -0.01
N SER B 89 -31.29 -0.81 1.16
N SER B 89 -31.28 -0.81 1.17
CA SER B 89 -31.53 -0.11 2.42
C SER B 89 -30.26 0.67 2.77
N GLN B 90 -30.44 1.79 3.48
CA GLN B 90 -29.33 2.66 3.92
C GLN B 90 -28.43 3.06 2.74
N LEU B 91 -29.07 3.46 1.63
CA LEU B 91 -28.34 3.74 0.41
C LEU B 91 -27.36 4.88 0.60
N ASN B 92 -27.78 5.90 1.36
CA ASN B 92 -26.92 7.06 1.64
C ASN B 92 -25.61 6.64 2.32
N GLU B 93 -25.71 5.67 3.23
CA GLU B 93 -24.56 5.14 3.95
C GLU B 93 -23.63 4.30 3.07
N ARG B 94 -24.20 3.68 2.03
CA ARG B 94 -23.47 2.73 1.19
C ARG B 94 -23.05 3.28 -0.16
N LEU B 95 -23.40 4.54 -0.41
CA LEU B 95 -23.15 5.15 -1.70
C LEU B 95 -21.65 5.25 -1.96
N SER B 96 -20.87 5.61 -0.92
CA SER B 96 -19.42 5.66 -1.08
C SER B 96 -18.86 4.30 -1.59
N ALA B 97 -19.25 3.21 -0.95
CA ALA B 97 -18.82 1.87 -1.35
C ALA B 97 -19.26 1.55 -2.78
N LEU B 98 -20.50 1.91 -3.10
CA LEU B 98 -21.06 1.61 -4.41
C LEU B 98 -20.27 2.32 -5.49
N ALA B 99 -20.03 3.61 -5.27
CA ALA B 99 -19.28 4.43 -6.21
C ALA B 99 -17.82 4.00 -6.29
N GLY B 100 -17.23 3.64 -5.14
CA GLY B 100 -15.87 3.11 -5.09
C GLY B 100 -15.70 1.92 -6.03
N ARG B 101 -16.64 0.99 -5.98
CA ARG B 101 -16.59 -0.18 -6.81
C ARG B 101 -16.81 0.20 -8.28
N PHE B 102 -17.78 1.07 -8.53
CA PHE B 102 -18.07 1.55 -9.88
C PHE B 102 -16.81 2.14 -10.54
N TYR B 103 -16.05 2.93 -9.77
CA TYR B 103 -14.87 3.62 -10.29
C TYR B 103 -13.55 2.89 -10.04
N HIS B 104 -13.64 1.58 -9.77
CA HIS B 104 -12.48 0.68 -9.67
C HIS B 104 -11.55 1.04 -8.51
N GLU B 105 -12.16 1.43 -7.38
CA GLU B 105 -11.49 1.56 -6.08
C GLU B 105 -10.27 2.47 -6.15
N PRO B 106 -10.45 3.76 -6.51
CA PRO B 106 -9.32 4.68 -6.66
C PRO B 106 -8.45 4.81 -5.41
N SER B 107 -9.04 4.73 -4.21
CA SER B 107 -8.21 4.88 -3.01
C SER B 107 -7.30 3.66 -2.73
N ASP B 108 -7.56 2.54 -3.42
CA ASP B 108 -6.65 1.38 -3.41
C ASP B 108 -5.52 1.47 -4.45
N ASN B 109 -5.58 2.50 -5.30
CA ASN B 109 -4.64 2.67 -6.39
C ASN B 109 -3.81 3.96 -6.31
N LEU B 110 -3.92 4.67 -5.17
CA LEU B 110 -2.99 5.73 -4.83
C LEU B 110 -2.90 5.78 -3.32
N ARG B 111 -1.97 6.55 -2.76
CA ARG B 111 -1.82 6.70 -1.32
C ARG B 111 -2.62 7.94 -0.96
N LEU B 112 -3.75 7.73 -0.28
CA LEU B 112 -4.66 8.79 0.08
C LEU B 112 -4.45 9.17 1.53
N VAL B 113 -4.21 10.46 1.76
CA VAL B 113 -4.09 11.00 3.10
C VAL B 113 -5.22 12.01 3.32
N GLY B 114 -5.98 11.79 4.40
CA GLY B 114 -7.07 12.66 4.77
C GLY B 114 -6.65 13.59 5.87
N VAL B 115 -7.03 14.87 5.76
CA VAL B 115 -6.74 15.86 6.80
C VAL B 115 -8.06 16.45 7.28
N THR B 116 -8.31 16.33 8.59
N THR B 116 -8.29 16.36 8.60
CA THR B 116 -9.51 16.86 9.26
CA THR B 116 -9.51 16.83 9.29
C THR B 116 -9.15 17.85 10.36
C THR B 116 -9.15 17.85 10.37
N GLY B 117 -10.12 18.70 10.73
CA GLY B 117 -9.94 19.72 11.75
C GLY B 117 -10.47 21.05 11.30
N THR B 118 -10.48 22.02 12.22
CA THR B 118 -11.10 23.30 11.94
C THR B 118 -10.22 24.13 11.01
N ASN B 119 -8.92 24.22 11.34
CA ASN B 119 -8.00 25.04 10.59
C ASN B 119 -6.82 24.23 10.11
N GLY B 120 -6.10 24.78 9.13
CA GLY B 120 -4.88 24.16 8.66
C GLY B 120 -5.03 23.00 7.72
N LYS B 121 -6.26 22.67 7.29
CA LYS B 121 -6.48 21.59 6.36
C LYS B 121 -5.88 21.88 5.01
N THR B 122 -6.09 23.10 4.51
CA THR B 122 -5.63 23.44 3.17
C THR B 122 -4.11 23.42 3.12
N THR B 123 -3.48 24.08 4.08
CA THR B 123 -2.04 24.16 4.15
C THR B 123 -1.45 22.75 4.31
N THR B 124 -1.99 21.99 5.26
CA THR B 124 -1.43 20.67 5.53
C THR B 124 -1.54 19.75 4.32
N THR B 125 -2.70 19.75 3.68
N THR B 125 -2.68 19.78 3.63
CA THR B 125 -2.91 18.96 2.46
CA THR B 125 -2.81 19.07 2.38
C THR B 125 -1.91 19.37 1.38
C THR B 125 -1.76 19.53 1.35
N GLN B 126 -1.69 20.69 1.21
N GLN B 126 -1.60 20.84 1.15
CA GLN B 126 -0.73 21.17 0.21
CA GLN B 126 -0.68 21.28 0.14
C GLN B 126 0.68 20.71 0.52
C GLN B 126 0.74 20.83 0.50
N LEU B 127 1.08 20.82 1.80
CA LEU B 127 2.39 20.38 2.24
C LEU B 127 2.61 18.88 1.99
N LEU B 128 1.61 18.07 2.33
CA LEU B 128 1.67 16.63 2.10
C LEU B 128 1.89 16.33 0.62
N ALA B 129 1.08 16.96 -0.23
CA ALA B 129 1.16 16.76 -1.68
C ALA B 129 2.51 17.19 -2.24
N GLN B 130 2.97 18.38 -1.84
CA GLN B 130 4.26 18.90 -2.32
C GLN B 130 5.42 18.07 -1.89
N TRP B 131 5.44 17.70 -0.60
CA TRP B 131 6.59 16.99 -0.03
C TRP B 131 6.71 15.56 -0.61
N SER B 132 5.58 14.87 -0.69
CA SER B 132 5.55 13.56 -1.33
C SER B 132 6.00 13.63 -2.79
N GLN B 133 5.62 14.70 -3.51
CA GLN B 133 6.03 14.87 -4.90
C GLN B 133 7.53 15.14 -5.01
N LEU B 134 8.07 15.90 -4.05
CA LEU B 134 9.51 16.10 -3.93
C LEU B 134 10.26 14.78 -3.75
N LEU B 135 9.63 13.79 -3.11
CA LEU B 135 10.24 12.47 -2.96
C LEU B 135 9.85 11.49 -4.10
N GLY B 136 9.20 12.00 -5.15
CA GLY B 136 9.00 11.25 -6.39
C GLY B 136 7.59 10.75 -6.67
N GLU B 137 6.62 11.03 -5.79
CA GLU B 137 5.22 10.74 -6.11
C GLU B 137 4.76 11.70 -7.21
N ILE B 138 3.69 11.32 -7.91
CA ILE B 138 2.88 12.28 -8.67
C ILE B 138 1.68 12.61 -7.78
N SER B 139 1.69 13.81 -7.20
CA SER B 139 0.75 14.17 -6.13
C SER B 139 -0.38 15.04 -6.60
N ALA B 140 -1.49 14.97 -5.86
CA ALA B 140 -2.71 15.70 -6.14
C ALA B 140 -3.32 16.14 -4.81
N VAL B 141 -4.26 17.08 -4.90
CA VAL B 141 -4.98 17.57 -3.75
C VAL B 141 -6.43 17.59 -4.09
N MET B 142 -7.25 17.37 -3.07
CA MET B 142 -8.68 17.59 -3.15
C MET B 142 -9.06 18.39 -1.91
N GLY B 143 -9.58 19.59 -2.12
CA GLY B 143 -9.96 20.47 -1.04
C GLY B 143 -10.71 21.72 -1.46
N THR B 144 -10.68 22.74 -0.60
CA THR B 144 -11.58 23.89 -0.73
C THR B 144 -11.14 24.81 -1.90
N VAL B 145 -9.83 24.88 -2.15
CA VAL B 145 -9.28 25.56 -3.32
C VAL B 145 -9.62 24.84 -4.64
N GLY B 146 -9.83 23.51 -4.58
CA GLY B 146 -10.21 22.69 -5.72
C GLY B 146 -9.52 21.34 -5.73
N ASN B 147 -9.60 20.64 -6.89
CA ASN B 147 -9.04 19.32 -7.09
C ASN B 147 -8.10 19.31 -8.27
N GLY B 148 -7.00 18.57 -8.15
CA GLY B 148 -6.13 18.32 -9.28
C GLY B 148 -4.75 17.89 -8.92
N LEU B 149 -3.99 17.51 -9.96
CA LEU B 149 -2.58 17.31 -9.81
C LEU B 149 -1.98 18.63 -9.33
N LEU B 150 -0.91 18.51 -8.52
CA LEU B 150 -0.22 19.68 -7.98
C LEU B 150 0.11 20.68 -9.11
N GLY B 151 -0.22 21.95 -8.86
CA GLY B 151 -0.07 23.02 -9.84
C GLY B 151 -1.20 23.16 -10.86
N LYS B 152 -2.17 22.24 -10.84
CA LYS B 152 -3.29 22.22 -11.78
C LYS B 152 -4.59 21.96 -11.04
N VAL B 153 -4.72 22.58 -9.87
CA VAL B 153 -5.84 22.40 -8.98
C VAL B 153 -6.96 23.31 -9.47
N ILE B 154 -8.02 22.70 -10.01
CA ILE B 154 -9.15 23.43 -10.60
C ILE B 154 -10.30 23.55 -9.60
N PRO B 155 -10.86 24.76 -9.37
CA PRO B 155 -11.94 24.94 -8.39
C PRO B 155 -13.17 24.05 -8.56
N GLY B 161 -21.25 18.10 -3.82
CA GLY B 161 -20.16 17.16 -3.73
C GLY B 161 -20.52 15.91 -2.92
N SER B 162 -21.21 14.97 -3.57
CA SER B 162 -21.66 13.73 -2.96
C SER B 162 -20.56 12.68 -2.79
N ALA B 163 -20.90 11.55 -2.17
CA ALA B 163 -20.00 10.41 -2.10
C ALA B 163 -19.62 9.89 -3.49
N VAL B 164 -20.53 10.03 -4.47
CA VAL B 164 -20.23 9.65 -5.85
C VAL B 164 -19.19 10.57 -6.45
N ASP B 165 -19.37 11.88 -6.31
CA ASP B 165 -18.44 12.89 -6.84
C ASP B 165 -17.03 12.70 -6.28
N VAL B 166 -16.93 12.38 -5.00
CA VAL B 166 -15.62 12.19 -4.36
C VAL B 166 -14.88 11.05 -5.03
N GLN B 167 -15.57 9.92 -5.21
CA GLN B 167 -14.94 8.74 -5.79
C GLN B 167 -14.59 9.00 -7.26
N HIS B 168 -15.51 9.66 -7.96
CA HIS B 168 -15.33 10.01 -9.38
C HIS B 168 -14.08 10.85 -9.55
N GLU B 169 -13.96 11.91 -8.72
CA GLU B 169 -12.85 12.84 -8.80
C GLU B 169 -11.53 12.12 -8.48
N LEU B 170 -11.56 11.26 -7.44
CA LEU B 170 -10.36 10.51 -7.09
C LEU B 170 -9.92 9.58 -8.24
N ALA B 171 -10.90 8.95 -8.90
CA ALA B 171 -10.66 8.12 -10.07
C ALA B 171 -10.06 8.94 -11.23
N GLY B 172 -10.58 10.16 -11.44
CA GLY B 172 -10.03 11.11 -12.39
C GLY B 172 -8.54 11.37 -12.16
N LEU B 173 -8.18 11.54 -10.88
CA LEU B 173 -6.79 11.75 -10.50
C LEU B 173 -5.95 10.49 -10.77
N VAL B 174 -6.50 9.32 -10.42
CA VAL B 174 -5.79 8.07 -10.69
C VAL B 174 -5.52 7.98 -12.20
N ASP B 175 -6.54 8.27 -13.01
CA ASP B 175 -6.43 8.26 -14.48
C ASP B 175 -5.35 9.19 -15.02
N GLN B 176 -5.15 10.32 -14.33
CA GLN B 176 -4.16 11.31 -14.72
C GLN B 176 -2.74 10.99 -14.26
N GLY B 177 -2.57 9.88 -13.53
CA GLY B 177 -1.28 9.40 -13.07
C GLY B 177 -0.90 9.62 -11.59
N ALA B 178 -1.81 10.25 -10.83
CA ALA B 178 -1.58 10.52 -9.42
C ALA B 178 -1.27 9.23 -8.67
N THR B 179 -0.21 9.24 -7.87
CA THR B 179 0.15 8.16 -6.96
C THR B 179 -0.05 8.53 -5.50
N PHE B 180 -0.38 9.80 -5.25
CA PHE B 180 -0.58 10.33 -3.90
C PHE B 180 -1.64 11.41 -3.99
N CYS B 181 -2.58 11.41 -3.05
CA CYS B 181 -3.55 12.48 -2.90
C CYS B 181 -3.75 12.87 -1.46
N ALA B 182 -3.66 14.18 -1.21
CA ALA B 182 -3.98 14.77 0.07
C ALA B 182 -5.33 15.43 -0.05
N MET B 183 -6.27 14.95 0.77
CA MET B 183 -7.66 15.35 0.76
C MET B 183 -8.08 16.02 2.06
N GLU B 184 -8.74 17.18 1.93
CA GLU B 184 -9.39 17.82 3.03
C GLU B 184 -10.68 17.06 3.30
N VAL B 185 -10.89 16.67 4.56
CA VAL B 185 -12.12 16.02 4.97
C VAL B 185 -12.84 16.89 5.99
N SER B 186 -14.02 17.36 5.63
CA SER B 186 -14.81 18.23 6.51
C SER B 186 -15.60 17.39 7.51
N SER B 187 -15.87 17.98 8.67
CA SER B 187 -16.76 17.36 9.64
C SER B 187 -18.08 16.95 8.98
N HIS B 188 -18.63 17.87 8.18
CA HIS B 188 -19.89 17.65 7.48
C HIS B 188 -19.82 16.51 6.47
N GLY B 189 -18.74 16.48 5.68
CA GLY B 189 -18.46 15.37 4.77
C GLY B 189 -18.47 14.01 5.46
N LEU B 190 -17.77 13.92 6.61
CA LEU B 190 -17.68 12.70 7.38
C LEU B 190 -19.05 12.22 7.82
N VAL B 191 -19.81 13.12 8.47
CA VAL B 191 -21.13 12.82 9.00
C VAL B 191 -22.11 12.37 7.90
N GLN B 192 -22.01 12.99 6.72
CA GLN B 192 -22.87 12.63 5.57
C GLN B 192 -22.34 11.46 4.73
N HIS B 193 -21.34 10.73 5.25
CA HIS B 193 -20.83 9.51 4.64
C HIS B 193 -20.18 9.71 3.29
N ARG B 194 -19.66 10.92 3.05
CA ARG B 194 -19.06 11.26 1.78
C ARG B 194 -17.71 10.62 1.54
N VAL B 195 -17.06 10.15 2.61
CA VAL B 195 -15.77 9.44 2.48
C VAL B 195 -15.79 8.04 3.11
N ALA B 196 -17.01 7.52 3.29
CA ALA B 196 -17.24 6.31 4.08
C ALA B 196 -16.43 5.10 3.63
N ALA B 197 -16.21 4.93 2.31
CA ALA B 197 -15.55 3.74 1.81
C ALA B 197 -14.14 3.97 1.33
N LEU B 198 -13.58 5.16 1.58
CA LEU B 198 -12.25 5.45 1.13
C LEU B 198 -11.24 4.75 2.04
N LYS B 199 -10.22 4.17 1.43
CA LYS B 199 -9.11 3.59 2.14
C LYS B 199 -8.04 4.65 2.35
N PHE B 200 -8.09 5.32 3.51
CA PHE B 200 -7.04 6.28 3.88
C PHE B 200 -5.78 5.54 4.33
N ALA B 201 -4.65 5.91 3.70
CA ALA B 201 -3.34 5.46 4.15
C ALA B 201 -3.02 6.07 5.50
N ALA B 202 -3.47 7.31 5.68
CA ALA B 202 -3.26 8.05 6.91
C ALA B 202 -4.33 9.11 7.05
N SER B 203 -4.63 9.45 8.30
CA SER B 203 -5.61 10.47 8.64
C SER B 203 -4.93 11.40 9.65
N VAL B 204 -5.01 12.70 9.36
CA VAL B 204 -4.34 13.74 10.10
C VAL B 204 -5.40 14.61 10.78
N PHE B 205 -5.18 14.90 12.07
CA PHE B 205 -6.05 15.79 12.83
C PHE B 205 -5.27 17.04 13.23
N THR B 206 -5.72 18.20 12.74
CA THR B 206 -5.04 19.47 13.04
C THR B 206 -5.50 20.09 14.37
N ASN B 207 -6.80 20.30 14.52
CA ASN B 207 -7.35 21.06 15.66
C ASN B 207 -8.85 21.16 15.60
N LEU B 208 -9.46 21.48 16.74
CA LEU B 208 -10.91 21.60 16.86
C LEU B 208 -11.35 22.96 17.43
N SER B 209 -10.61 23.46 18.42
CA SER B 209 -10.58 24.91 18.73
C SER B 209 -11.00 25.79 17.54
N ASP B 218 -23.67 17.78 25.93
CA ASP B 218 -23.50 18.02 24.50
C ASP B 218 -22.13 17.52 24.03
N MET B 219 -21.08 17.85 24.81
CA MET B 219 -19.72 17.41 24.50
C MET B 219 -19.62 15.90 24.42
N GLU B 220 -20.35 15.19 25.31
CA GLU B 220 -20.35 13.73 25.31
C GLU B 220 -20.96 13.15 24.05
N HIS B 221 -22.11 13.69 23.63
CA HIS B 221 -22.80 13.19 22.43
C HIS B 221 -22.00 13.44 21.17
N TYR B 222 -21.42 14.65 21.08
CA TYR B 222 -20.59 15.04 19.95
C TYR B 222 -19.39 14.11 19.83
N GLU B 223 -18.66 13.94 20.93
CA GLU B 223 -17.52 13.03 20.97
C GLU B 223 -17.89 11.59 20.62
N ALA B 224 -19.04 11.13 21.16
CA ALA B 224 -19.52 9.76 20.94
C ALA B 224 -19.81 9.55 19.48
N ALA B 225 -20.54 10.50 18.89
CA ALA B 225 -20.85 10.46 17.47
C ALA B 225 -19.58 10.43 16.62
N LYS B 226 -18.58 11.26 16.94
CA LYS B 226 -17.32 11.28 16.20
C LYS B 226 -16.53 9.97 16.35
N TRP B 227 -16.46 9.43 17.57
CA TRP B 227 -15.79 8.16 17.78
C TRP B 227 -16.41 7.03 16.98
N LEU B 228 -17.74 6.98 16.97
CA LEU B 228 -18.51 6.00 16.24
C LEU B 228 -18.14 6.08 14.75
N LEU B 229 -18.16 7.30 14.18
CA LEU B 229 -17.79 7.53 12.78
C LEU B 229 -16.36 7.08 12.47
N TYR B 230 -15.43 7.45 13.34
CA TYR B 230 -14.03 7.08 13.20
C TYR B 230 -13.89 5.56 13.12
N SER B 231 -14.60 4.87 14.01
CA SER B 231 -14.53 3.41 14.12
C SER B 231 -15.05 2.70 12.86
N GLU B 232 -15.89 3.39 12.10
CA GLU B 232 -16.49 2.84 10.89
C GLU B 232 -15.62 3.08 9.65
N HIS B 233 -14.68 4.03 9.72
CA HIS B 233 -13.84 4.38 8.58
C HIS B 233 -12.50 3.62 8.58
N HIS B 234 -11.89 3.51 7.39
CA HIS B 234 -10.54 2.99 7.22
C HIS B 234 -9.59 4.17 7.28
N CYS B 235 -9.15 4.51 8.50
CA CYS B 235 -8.32 5.71 8.69
C CYS B 235 -6.84 5.56 8.47
N GLY B 236 -6.36 4.31 8.42
CA GLY B 236 -4.93 4.03 8.29
C GLY B 236 -4.14 4.59 9.46
N GLN B 237 -2.93 5.06 9.19
CA GLN B 237 -2.09 5.69 10.22
C GLN B 237 -2.71 6.99 10.71
N ALA B 238 -2.88 7.11 12.04
CA ALA B 238 -3.48 8.28 12.65
C ALA B 238 -2.37 9.21 13.14
N ILE B 239 -2.45 10.48 12.73
CA ILE B 239 -1.47 11.51 13.09
C ILE B 239 -2.26 12.64 13.73
N ILE B 240 -1.97 12.93 14.99
CA ILE B 240 -2.77 13.83 15.79
C ILE B 240 -1.97 14.92 16.46
N ASN B 241 -2.45 16.16 16.32
CA ASN B 241 -1.87 17.32 17.00
C ASN B 241 -2.15 17.23 18.50
N ALA B 242 -1.09 16.94 19.26
CA ALA B 242 -1.16 16.85 20.72
C ALA B 242 -1.24 18.21 21.41
N ASP B 243 -1.09 19.29 20.65
CA ASP B 243 -1.23 20.65 21.19
C ASP B 243 -2.69 21.06 21.26
N ASP B 244 -3.58 20.23 20.69
CA ASP B 244 -5.03 20.42 20.78
C ASP B 244 -5.55 19.53 21.92
N GLU B 245 -6.43 20.10 22.75
CA GLU B 245 -6.96 19.41 23.94
C GLU B 245 -7.72 18.12 23.58
N VAL B 246 -8.55 18.19 22.54
CA VAL B 246 -9.30 17.04 22.08
C VAL B 246 -8.36 16.00 21.46
N GLY B 247 -7.40 16.50 20.68
CA GLY B 247 -6.26 15.73 20.20
C GLY B 247 -5.66 14.85 21.26
N ARG B 248 -5.30 15.45 22.41
CA ARG B 248 -4.73 14.71 23.54
C ARG B 248 -5.66 13.62 24.06
N ARG B 249 -6.95 13.91 24.18
CA ARG B 249 -7.89 12.94 24.72
C ARG B 249 -7.99 11.73 23.81
N TRP B 250 -7.96 11.98 22.49
CA TRP B 250 -7.98 10.90 21.51
C TRP B 250 -6.69 10.11 21.49
N LEU B 251 -5.55 10.81 21.52
CA LEU B 251 -4.25 10.13 21.65
C LEU B 251 -4.18 9.12 22.80
N ALA B 252 -4.79 9.48 23.94
CA ALA B 252 -4.81 8.63 25.15
C ALA B 252 -5.52 7.30 24.89
N LYS B 253 -6.44 7.29 23.92
CA LYS B 253 -7.21 6.11 23.51
C LYS B 253 -6.69 5.38 22.26
N LEU B 254 -5.65 5.94 21.62
CA LEU B 254 -5.13 5.43 20.36
C LEU B 254 -3.63 5.20 20.48
N PRO B 255 -3.20 4.05 21.04
CA PRO B 255 -1.79 3.85 21.36
C PRO B 255 -0.87 3.78 20.13
N ASP B 256 -1.46 3.49 18.95
CA ASP B 256 -0.71 3.40 17.69
C ASP B 256 -0.69 4.70 16.88
N ALA B 257 -1.36 5.75 17.38
CA ALA B 257 -1.39 7.06 16.72
C ALA B 257 -0.06 7.75 16.93
N VAL B 258 0.31 8.65 16.03
CA VAL B 258 1.49 9.48 16.19
C VAL B 258 1.12 10.83 16.83
N ALA B 259 1.80 11.19 17.92
CA ALA B 259 1.55 12.44 18.63
C ALA B 259 2.54 13.49 18.09
N VAL B 260 2.02 14.66 17.76
CA VAL B 260 2.80 15.76 17.21
C VAL B 260 2.59 16.97 18.10
N SER B 261 3.71 17.64 18.44
CA SER B 261 3.68 18.79 19.32
C SER B 261 4.79 19.77 19.03
N MET B 262 4.48 21.04 19.29
CA MET B 262 5.51 22.08 19.31
C MET B 262 5.45 22.85 20.63
N GLU B 263 4.63 22.37 21.57
CA GLU B 263 4.39 23.03 22.85
C GLU B 263 4.55 22.06 24.01
N ASP B 264 5.43 21.07 23.86
CA ASP B 264 5.77 20.13 24.93
C ASP B 264 4.62 19.23 25.47
N HIS B 265 3.78 18.67 24.58
CA HIS B 265 2.67 17.80 24.98
C HIS B 265 2.85 16.30 24.64
N ILE B 266 4.06 15.90 24.25
CA ILE B 266 4.38 14.50 24.05
C ILE B 266 4.57 13.92 25.45
N ASN B 267 3.87 12.82 25.76
CA ASN B 267 4.19 12.00 26.92
C ASN B 267 5.04 10.78 26.54
N PRO B 268 6.36 10.82 26.77
CA PRO B 268 7.25 9.72 26.36
C PRO B 268 7.03 8.37 27.12
N ASN B 269 6.29 8.38 28.24
CA ASN B 269 5.93 7.15 28.95
C ASN B 269 5.02 6.19 28.16
N CYS B 270 4.29 6.73 27.19
N CYS B 270 4.28 6.73 27.19
CA CYS B 270 3.42 5.92 26.33
CA CYS B 270 3.42 5.92 26.34
C CYS B 270 4.19 5.00 25.35
C CYS B 270 4.18 5.01 25.34
N HIS B 271 5.49 5.29 25.15
CA HIS B 271 6.36 4.56 24.20
C HIS B 271 5.76 4.49 22.77
N GLY B 272 5.02 5.53 22.39
CA GLY B 272 4.38 5.57 21.10
C GLY B 272 5.31 6.27 20.15
N ARG B 273 4.79 6.50 18.95
CA ARG B 273 5.47 7.27 17.96
C ARG B 273 5.13 8.75 18.20
N TRP B 274 6.13 9.61 18.09
CA TRP B 274 5.97 11.03 18.35
C TRP B 274 6.95 11.86 17.54
N LEU B 275 6.64 13.15 17.45
CA LEU B 275 7.46 14.13 16.78
C LEU B 275 7.20 15.45 17.49
N LYS B 276 8.27 16.12 17.89
CA LYS B 276 8.15 17.38 18.61
C LYS B 276 9.21 18.38 18.22
N ALA B 277 8.77 19.62 18.03
CA ALA B 277 9.67 20.73 17.80
C ALA B 277 10.23 21.06 19.16
N THR B 278 11.55 21.09 19.27
CA THR B 278 12.25 21.42 20.51
C THR B 278 12.66 22.89 20.54
N GLU B 279 12.88 23.49 19.37
CA GLU B 279 13.28 24.88 19.31
C GLU B 279 12.89 25.41 17.94
N VAL B 280 12.29 26.61 17.91
CA VAL B 280 11.95 27.26 16.67
C VAL B 280 12.48 28.68 16.72
N ASN B 281 13.23 29.06 15.67
CA ASN B 281 13.61 30.45 15.46
C ASN B 281 12.77 30.98 14.33
N TYR B 282 11.84 31.89 14.65
CA TYR B 282 11.05 32.61 13.66
C TYR B 282 11.90 33.78 13.18
N HIS B 283 12.32 33.74 11.91
CA HIS B 283 13.24 34.74 11.38
C HIS B 283 12.60 35.47 10.21
N ASP B 284 13.39 36.32 9.55
CA ASP B 284 12.84 37.27 8.62
C ASP B 284 12.40 36.66 7.30
N SER B 285 12.70 35.38 7.07
CA SER B 285 12.28 34.70 5.84
C SER B 285 11.65 33.32 6.04
N GLY B 286 11.30 32.99 7.28
CA GLY B 286 10.71 31.71 7.58
C GLY B 286 11.01 31.32 9.01
N ALA B 287 11.11 30.01 9.24
CA ALA B 287 11.38 29.45 10.55
C ALA B 287 12.39 28.32 10.45
N THR B 288 13.33 28.32 11.38
CA THR B 288 14.26 27.21 11.58
C THR B 288 13.70 26.36 12.68
N ILE B 289 13.37 25.11 12.34
CA ILE B 289 12.69 24.20 13.21
C ILE B 289 13.59 23.03 13.59
N ARG B 290 13.93 22.94 14.87
CA ARG B 290 14.68 21.81 15.42
C ARG B 290 13.67 20.89 16.05
N PHE B 291 13.79 19.59 15.74
CA PHE B 291 12.83 18.61 16.17
C PHE B 291 13.48 17.30 16.52
N SER B 292 12.83 16.58 17.44
N SER B 292 12.85 16.58 17.46
CA SER B 292 13.15 15.21 17.78
CA SER B 292 13.17 15.19 17.72
C SER B 292 11.94 14.36 17.42
C SER B 292 11.96 14.38 17.32
N SER B 293 12.19 13.08 17.15
CA SER B 293 11.13 12.14 16.78
C SER B 293 11.57 10.71 16.99
N SER B 294 10.60 9.80 17.01
CA SER B 294 10.93 8.37 17.08
C SER B 294 11.66 7.86 15.84
N TRP B 295 11.72 8.67 14.77
CA TRP B 295 12.45 8.34 13.56
C TRP B 295 13.85 8.94 13.48
N GLY B 296 14.21 9.76 14.46
CA GLY B 296 15.41 10.55 14.44
C GLY B 296 15.14 12.05 14.52
N ASP B 297 16.23 12.81 14.68
CA ASP B 297 16.16 14.24 14.92
C ASP B 297 16.64 14.99 13.69
N GLY B 298 16.40 16.30 13.66
CA GLY B 298 16.77 17.09 12.51
C GLY B 298 16.55 18.58 12.68
N GLU B 299 16.84 19.31 11.62
CA GLU B 299 16.63 20.74 11.55
C GLU B 299 16.12 21.03 10.16
N ILE B 300 15.00 21.75 10.09
CA ILE B 300 14.29 22.11 8.87
C ILE B 300 14.33 23.63 8.72
N GLU B 301 14.63 24.12 7.52
CA GLU B 301 14.40 25.51 7.12
C GLU B 301 13.07 25.56 6.39
N SER B 302 12.05 26.07 7.08
CA SER B 302 10.74 26.29 6.49
C SER B 302 10.69 27.71 5.98
N HIS B 303 10.07 27.89 4.80
CA HIS B 303 9.78 29.19 4.24
C HIS B 303 8.32 29.63 4.48
N LEU B 304 7.65 28.96 5.43
CA LEU B 304 6.33 29.33 5.88
C LEU B 304 6.45 30.16 7.14
N MET B 305 5.42 30.97 7.41
CA MET B 305 5.41 31.97 8.46
C MET B 305 4.39 31.64 9.54
N GLY B 306 4.80 31.85 10.79
CA GLY B 306 3.95 31.75 11.97
C GLY B 306 4.00 30.39 12.63
N ALA B 307 3.46 30.32 13.85
CA ALA B 307 3.51 29.12 14.66
C ALA B 307 2.57 28.03 14.13
N PHE B 308 1.39 28.45 13.65
CA PHE B 308 0.42 27.52 13.11
C PHE B 308 0.99 26.74 11.91
N ASN B 309 1.79 27.42 11.08
CA ASN B 309 2.44 26.75 9.97
C ASN B 309 3.61 25.85 10.33
N VAL B 310 4.23 26.09 11.50
CA VAL B 310 5.16 25.12 12.06
C VAL B 310 4.38 23.85 12.38
N SER B 311 3.26 23.99 13.10
CA SER B 311 2.40 22.86 13.40
C SER B 311 1.95 22.08 12.16
N ASN B 312 1.43 22.79 11.15
CA ASN B 312 1.01 22.16 9.91
C ASN B 312 2.17 21.39 9.24
N LEU B 313 3.35 22.00 9.21
CA LEU B 313 4.52 21.36 8.66
C LEU B 313 4.94 20.09 9.44
N LEU B 314 4.94 20.17 10.76
CA LEU B 314 5.25 19.01 11.60
C LEU B 314 4.24 17.86 11.42
N LEU B 315 2.96 18.21 11.25
CA LEU B 315 1.95 17.22 10.97
C LEU B 315 2.22 16.50 9.66
N ALA B 316 2.55 17.26 8.62
CA ALA B 316 2.87 16.66 7.35
C ALA B 316 4.12 15.78 7.42
N LEU B 317 5.15 16.27 8.11
CA LEU B 317 6.39 15.50 8.35
C LEU B 317 6.10 14.16 9.04
N ALA B 318 5.38 14.22 10.17
CA ALA B 318 5.04 13.06 10.96
C ALA B 318 4.24 12.05 10.13
N THR B 319 3.32 12.55 9.31
CA THR B 319 2.50 11.73 8.45
C THR B 319 3.38 10.96 7.45
N LEU B 320 4.30 11.68 6.78
CA LEU B 320 5.13 11.06 5.76
C LEU B 320 6.12 10.08 6.39
N LEU B 321 6.64 10.42 7.57
CA LEU B 321 7.49 9.51 8.31
C LEU B 321 6.74 8.21 8.65
N ALA B 322 5.50 8.35 9.15
CA ALA B 322 4.62 7.23 9.48
C ALA B 322 4.34 6.32 8.30
N LEU B 323 4.29 6.89 7.12
CA LEU B 323 4.03 6.16 5.91
C LEU B 323 5.31 5.53 5.33
N GLY B 324 6.46 5.86 5.91
CA GLY B 324 7.72 5.20 5.58
C GLY B 324 8.63 5.99 4.67
N TYR B 325 8.32 7.25 4.42
CA TYR B 325 9.21 8.10 3.63
C TYR B 325 10.44 8.38 4.48
N PRO B 326 11.67 8.21 3.93
CA PRO B 326 12.86 8.31 4.77
C PRO B 326 13.12 9.74 5.29
N LEU B 327 13.40 9.84 6.58
CA LEU B 327 13.72 11.10 7.21
C LEU B 327 14.76 11.92 6.43
N ALA B 328 15.85 11.27 5.99
CA ALA B 328 16.93 11.99 5.34
C ALA B 328 16.43 12.70 4.08
N ASP B 329 15.53 12.05 3.35
CA ASP B 329 15.00 12.59 2.11
C ASP B 329 14.03 13.71 2.40
N LEU B 330 13.25 13.60 3.49
CA LEU B 330 12.31 14.65 3.87
C LEU B 330 13.09 15.89 4.28
N LEU B 331 14.13 15.68 5.07
CA LEU B 331 14.99 16.79 5.49
C LEU B 331 15.60 17.53 4.29
N LYS B 332 16.03 16.76 3.29
CA LYS B 332 16.69 17.32 2.10
C LYS B 332 15.77 18.16 1.23
N THR B 333 14.46 17.94 1.34
CA THR B 333 13.48 18.59 0.48
C THR B 333 12.61 19.65 1.19
N ALA B 334 12.74 19.76 2.52
CA ALA B 334 11.89 20.66 3.32
C ALA B 334 11.95 22.15 2.89
N ALA B 335 13.14 22.59 2.46
CA ALA B 335 13.36 23.97 2.06
C ALA B 335 12.66 24.32 0.76
N ARG B 336 12.20 23.30 0.05
CA ARG B 336 11.41 23.52 -1.15
C ARG B 336 9.89 23.62 -0.95
N LEU B 337 9.42 23.36 0.27
CA LEU B 337 8.00 23.45 0.57
C LEU B 337 7.60 24.91 0.50
N GLN B 338 6.50 25.21 -0.19
CA GLN B 338 6.09 26.59 -0.36
C GLN B 338 4.74 26.86 0.32
N PRO B 339 4.44 28.12 0.67
CA PRO B 339 3.13 28.45 1.20
C PRO B 339 2.04 28.27 0.15
N VAL B 340 0.79 28.23 0.61
CA VAL B 340 -0.33 28.40 -0.29
C VAL B 340 -0.25 29.86 -0.77
N CYS B 341 -0.41 30.08 -2.07
CA CYS B 341 -0.25 31.40 -2.67
C CYS B 341 -1.13 32.44 -1.94
N GLY B 342 -0.53 33.56 -1.55
CA GLY B 342 -1.25 34.62 -0.84
C GLY B 342 -1.72 34.26 0.56
N ARG B 343 -1.19 33.17 1.13
CA ARG B 343 -1.42 32.81 2.51
C ARG B 343 -0.11 32.91 3.28
N MET B 344 0.01 33.97 4.09
CA MET B 344 1.27 34.27 4.83
C MET B 344 2.47 34.04 3.91
N GLU B 345 2.38 34.56 2.69
CA GLU B 345 3.40 34.37 1.70
C GLU B 345 4.49 35.44 1.87
N VAL B 346 5.71 35.00 2.20
CA VAL B 346 6.78 35.92 2.54
C VAL B 346 7.54 36.34 1.29
N PHE B 347 7.93 37.62 1.25
CA PHE B 347 8.75 38.19 0.17
C PHE B 347 9.90 38.91 0.84
N THR B 348 11.12 38.55 0.45
CA THR B 348 12.31 39.15 1.02
C THR B 348 13.26 39.50 -0.08
N ALA B 349 14.07 40.51 0.18
CA ALA B 349 15.15 40.88 -0.72
C ALA B 349 16.26 41.44 0.15
N PRO B 350 17.53 41.24 -0.28
CA PRO B 350 18.69 41.72 0.47
C PRO B 350 18.48 43.15 0.96
N GLY B 351 18.54 43.31 2.29
CA GLY B 351 18.54 44.60 2.94
C GLY B 351 17.26 45.43 2.91
N LYS B 352 16.11 44.77 2.71
CA LYS B 352 14.79 45.42 2.68
C LYS B 352 13.90 44.82 3.77
N PRO B 353 12.80 45.48 4.19
CA PRO B 353 11.88 44.89 5.16
C PRO B 353 11.35 43.58 4.60
N THR B 354 11.01 42.65 5.48
CA THR B 354 10.26 41.46 5.11
C THR B 354 8.83 41.88 4.84
N VAL B 355 8.25 41.41 3.74
CA VAL B 355 6.87 41.71 3.42
C VAL B 355 6.09 40.39 3.30
N VAL B 356 4.93 40.33 3.96
CA VAL B 356 4.09 39.15 3.96
C VAL B 356 2.77 39.55 3.32
N VAL B 357 2.35 38.80 2.29
CA VAL B 357 1.07 38.99 1.66
C VAL B 357 0.14 37.90 2.18
N ASP B 358 -0.99 38.34 2.74
CA ASP B 358 -1.98 37.41 3.27
C ASP B 358 -3.37 37.87 2.92
N TYR B 359 -4.23 36.87 2.68
CA TYR B 359 -5.61 37.10 2.30
C TYR B 359 -6.52 37.57 3.43
N ALA B 360 -6.04 37.56 4.68
CA ALA B 360 -6.83 37.96 5.85
C ALA B 360 -7.69 39.18 5.57
N HIS B 361 -9.01 39.00 5.67
CA HIS B 361 -9.96 40.08 5.45
C HIS B 361 -11.11 40.06 6.46
N THR B 362 -10.91 39.42 7.60
CA THR B 362 -11.87 39.43 8.71
C THR B 362 -11.09 39.73 9.98
N PRO B 363 -11.73 40.21 11.08
CA PRO B 363 -11.01 40.51 12.31
C PRO B 363 -10.16 39.36 12.84
N ASP B 364 -10.75 38.16 12.97
N ASP B 364 -10.76 38.16 12.96
CA ASP B 364 -10.04 36.98 13.47
CA ASP B 364 -10.07 36.96 13.44
C ASP B 364 -8.84 36.58 12.59
C ASP B 364 -8.85 36.60 12.59
N ALA B 365 -9.03 36.59 11.26
CA ALA B 365 -7.94 36.27 10.31
C ALA B 365 -6.81 37.30 10.39
N LEU B 366 -7.17 38.58 10.45
CA LEU B 366 -6.19 39.66 10.58
C LEU B 366 -5.41 39.55 11.89
N GLU B 367 -6.12 39.27 12.98
CA GLU B 367 -5.45 39.08 14.27
C GLU B 367 -4.43 37.94 14.18
N LYS B 368 -4.86 36.81 13.62
CA LYS B 368 -3.98 35.62 13.49
C LYS B 368 -2.75 35.93 12.62
N ALA B 369 -2.98 36.64 11.50
CA ALA B 369 -1.94 36.97 10.55
C ALA B 369 -0.89 37.90 11.19
N LEU B 370 -1.37 38.88 11.96
CA LEU B 370 -0.48 39.81 12.63
C LEU B 370 0.33 39.14 13.75
N GLN B 371 -0.33 38.29 14.53
CA GLN B 371 0.35 37.54 15.59
C GLN B 371 1.42 36.64 15.00
N ALA B 372 1.12 36.04 13.84
CA ALA B 372 2.09 35.21 13.13
C ALA B 372 3.27 36.05 12.65
N ALA B 373 2.98 37.17 11.99
CA ALA B 373 4.02 38.06 11.48
C ALA B 373 4.90 38.60 12.59
N ARG B 374 4.31 38.93 13.74
CA ARG B 374 5.05 39.48 14.90
C ARG B 374 6.22 38.56 15.32
N LEU B 375 5.99 37.25 15.29
CA LEU B 375 7.03 36.28 15.67
C LEU B 375 8.32 36.47 14.88
N HIS B 376 8.20 36.86 13.62
CA HIS B 376 9.30 36.99 12.71
C HIS B 376 9.87 38.43 12.63
N CYS B 377 9.37 39.31 13.50
CA CYS B 377 9.59 40.76 13.42
C CYS B 377 10.46 41.25 14.57
N ALA B 378 11.72 41.55 14.26
CA ALA B 378 12.65 42.11 15.23
C ALA B 378 12.39 43.61 15.49
N GLY B 379 11.91 44.31 14.45
CA GLY B 379 11.64 45.73 14.53
C GLY B 379 10.16 46.03 14.72
N LYS B 380 9.65 46.92 13.87
CA LYS B 380 8.25 47.34 13.89
C LYS B 380 7.42 46.50 12.91
N LEU B 381 6.19 46.21 13.31
CA LEU B 381 5.25 45.50 12.47
C LEU B 381 4.27 46.52 11.87
N TRP B 382 4.25 46.58 10.53
CA TRP B 382 3.31 47.40 9.76
C TRP B 382 2.19 46.54 9.22
N CYS B 383 0.98 47.09 9.21
CA CYS B 383 -0.18 46.43 8.61
C CYS B 383 -0.86 47.33 7.60
N VAL B 384 -0.84 46.92 6.33
CA VAL B 384 -1.50 47.64 5.25
C VAL B 384 -2.78 46.89 4.95
N PHE B 385 -3.92 47.56 5.05
CA PHE B 385 -5.20 46.89 4.83
C PHE B 385 -6.31 47.92 4.57
N GLY B 386 -7.43 47.40 4.03
CA GLY B 386 -8.67 48.14 3.90
C GLY B 386 -9.81 47.16 4.04
N CYS B 387 -11.04 47.64 3.77
CA CYS B 387 -12.23 46.82 3.78
C CYS B 387 -13.07 47.06 2.54
N GLY B 388 -13.79 46.02 2.12
CA GLY B 388 -14.58 46.05 0.91
C GLY B 388 -15.74 47.02 1.04
N GLY B 389 -16.05 47.71 -0.07
CA GLY B 389 -17.16 48.65 -0.14
C GLY B 389 -18.46 47.91 -0.46
N ASP B 390 -19.59 48.54 -0.12
CA ASP B 390 -20.93 48.03 -0.41
C ASP B 390 -21.31 46.69 0.21
N ARG B 391 -20.54 46.21 1.19
CA ARG B 391 -20.81 44.94 1.83
C ARG B 391 -19.94 44.72 3.03
N ASP B 392 -20.39 43.80 3.90
CA ASP B 392 -19.65 43.36 5.09
C ASP B 392 -19.05 44.55 5.87
N LYS B 393 -19.94 45.46 6.29
CA LYS B 393 -19.57 46.73 6.91
C LYS B 393 -19.31 46.66 8.40
N GLY B 394 -19.91 45.66 9.07
CA GLY B 394 -19.80 45.52 10.51
C GLY B 394 -18.37 45.22 10.97
N LYS B 395 -17.61 44.51 10.15
CA LYS B 395 -16.22 44.19 10.47
C LYS B 395 -15.28 45.39 10.55
N ARG B 396 -15.68 46.52 9.93
CA ARG B 396 -14.78 47.65 9.72
C ARG B 396 -14.09 48.18 10.96
N PRO B 397 -14.82 48.63 12.01
CA PRO B 397 -14.17 49.13 13.21
C PRO B 397 -13.40 48.04 13.96
N LEU B 398 -13.86 46.80 13.87
CA LEU B 398 -13.18 45.65 14.48
C LEU B 398 -11.80 45.40 13.81
N MET B 399 -11.73 45.54 12.48
N MET B 399 -11.75 45.54 12.47
CA MET B 399 -10.43 45.41 11.80
CA MET B 399 -10.49 45.45 11.71
C MET B 399 -9.47 46.55 12.16
C MET B 399 -9.51 46.54 12.15
N GLY B 400 -10.02 47.76 12.30
CA GLY B 400 -9.26 48.88 12.82
C GLY B 400 -8.67 48.63 14.20
N ALA B 401 -9.51 48.17 15.15
CA ALA B 401 -9.05 47.88 16.51
C ALA B 401 -7.94 46.82 16.52
N ILE B 402 -8.07 45.80 15.68
CA ILE B 402 -7.11 44.69 15.58
C ILE B 402 -5.78 45.19 15.03
N ALA B 403 -5.84 45.96 13.93
CA ALA B 403 -4.63 46.52 13.33
C ALA B 403 -3.87 47.40 14.30
N GLU B 404 -4.61 48.22 15.06
CA GLU B 404 -4.01 49.10 16.04
C GLU B 404 -3.34 48.32 17.21
N GLU B 405 -4.00 47.27 17.66
CA GLU B 405 -3.52 46.48 18.81
C GLU B 405 -2.34 45.59 18.47
N PHE B 406 -2.43 44.86 17.35
CA PHE B 406 -1.46 43.85 16.99
C PHE B 406 -0.32 44.29 16.06
N ALA B 407 -0.46 45.47 15.43
CA ALA B 407 0.62 46.06 14.67
C ALA B 407 1.15 47.28 15.40
N ASP B 408 2.35 47.73 15.01
CA ASP B 408 2.94 48.98 15.46
C ASP B 408 2.52 50.16 14.60
N VAL B 409 2.41 49.93 13.29
CA VAL B 409 1.97 50.96 12.33
C VAL B 409 0.81 50.41 11.49
N ALA B 410 -0.34 51.09 11.53
CA ALA B 410 -1.51 50.74 10.74
C ALA B 410 -1.58 51.67 9.54
N VAL B 411 -1.54 51.10 8.34
CA VAL B 411 -1.69 51.86 7.10
C VAL B 411 -3.03 51.49 6.50
N VAL B 412 -4.01 52.40 6.61
CA VAL B 412 -5.38 52.11 6.16
C VAL B 412 -5.54 52.62 4.74
N THR B 413 -6.02 51.75 3.85
CA THR B 413 -6.13 52.05 2.44
C THR B 413 -7.38 51.41 1.87
N ASP B 414 -7.46 51.33 0.54
CA ASP B 414 -8.60 50.80 -0.18
C ASP B 414 -8.41 49.33 -0.47
N ASP B 415 -9.55 48.61 -0.52
CA ASP B 415 -9.63 47.20 -0.84
C ASP B 415 -11.03 46.94 -1.39
N ASN B 416 -11.16 46.92 -2.72
CA ASN B 416 -12.43 46.78 -3.41
C ASN B 416 -13.51 47.74 -2.90
N PRO B 417 -13.27 49.06 -2.99
CA PRO B 417 -14.26 50.05 -2.55
C PRO B 417 -15.56 50.01 -3.34
N ARG B 418 -15.56 49.39 -4.54
CA ARG B 418 -16.77 49.22 -5.35
C ARG B 418 -17.37 50.61 -5.59
N THR B 419 -18.66 50.82 -5.30
CA THR B 419 -19.30 52.13 -5.55
C THR B 419 -19.36 53.04 -4.33
N GLU B 420 -18.83 52.57 -3.19
CA GLU B 420 -18.82 53.33 -1.96
C GLU B 420 -17.67 54.31 -1.93
N GLU B 421 -17.91 55.50 -1.39
CA GLU B 421 -16.87 56.51 -1.24
C GLU B 421 -15.70 55.91 -0.45
N PRO B 422 -14.48 55.77 -1.04
CA PRO B 422 -13.37 55.14 -0.32
C PRO B 422 -13.10 55.70 1.07
N ARG B 423 -13.09 57.03 1.20
CA ARG B 423 -12.83 57.66 2.48
C ARG B 423 -13.86 57.28 3.56
N ALA B 424 -15.11 57.04 3.17
CA ALA B 424 -16.16 56.67 4.13
C ALA B 424 -15.85 55.32 4.76
N ILE B 425 -15.33 54.39 3.93
CA ILE B 425 -14.95 53.05 4.38
C ILE B 425 -13.83 53.20 5.40
N ILE B 426 -12.83 53.99 5.04
CA ILE B 426 -11.70 54.24 5.88
C ILE B 426 -12.15 54.84 7.22
N ASN B 427 -13.08 55.80 7.18
CA ASN B 427 -13.60 56.38 8.44
C ASN B 427 -14.25 55.36 9.37
N ASP B 428 -15.01 54.42 8.80
CA ASP B 428 -15.63 53.32 9.58
C ASP B 428 -14.56 52.45 10.25
N ILE B 429 -13.43 52.27 9.58
CA ILE B 429 -12.29 51.52 10.11
C ILE B 429 -11.66 52.27 11.27
N LEU B 430 -11.37 53.56 11.04
CA LEU B 430 -10.74 54.43 12.02
C LEU B 430 -11.59 54.57 13.29
N ALA B 431 -12.92 54.50 13.11
CA ALA B 431 -13.90 54.56 14.20
C ALA B 431 -13.63 53.54 15.31
N GLY B 432 -13.04 52.40 14.94
CA GLY B 432 -12.71 51.35 15.87
C GLY B 432 -11.45 51.55 16.69
N MET B 433 -10.69 52.60 16.39
CA MET B 433 -9.37 52.80 17.00
C MET B 433 -9.40 53.73 18.20
N LEU B 434 -8.55 53.43 19.19
CA LEU B 434 -8.32 54.25 20.37
C LEU B 434 -7.55 55.51 19.99
N ASP B 435 -6.63 55.37 19.04
CA ASP B 435 -5.75 56.45 18.65
C ASP B 435 -5.61 56.49 17.13
N ALA B 436 -6.72 56.83 16.47
CA ALA B 436 -6.78 56.91 15.02
C ALA B 436 -5.83 57.89 14.42
N GLY B 437 -5.47 58.94 15.19
CA GLY B 437 -4.52 59.94 14.74
C GLY B 437 -3.14 59.39 14.48
N HIS B 438 -2.80 58.26 15.11
CA HIS B 438 -1.53 57.58 14.88
C HIS B 438 -1.52 56.58 13.72
N ALA B 439 -2.71 56.25 13.19
CA ALA B 439 -2.86 55.45 11.98
C ALA B 439 -2.46 56.30 10.78
N LYS B 440 -1.87 55.66 9.77
CA LYS B 440 -1.57 56.31 8.50
C LYS B 440 -2.70 55.99 7.59
N VAL B 441 -3.14 56.97 6.80
CA VAL B 441 -4.16 56.73 5.80
C VAL B 441 -3.55 57.11 4.45
N MET B 442 -3.68 56.23 3.46
CA MET B 442 -3.27 56.53 2.12
C MET B 442 -4.14 55.81 1.15
N GLU B 443 -4.74 56.58 0.24
CA GLU B 443 -5.64 56.06 -0.78
C GLU B 443 -4.88 55.86 -2.08
N GLY B 444 -5.36 54.86 -2.83
CA GLY B 444 -4.55 54.21 -3.82
C GLY B 444 -3.85 53.13 -2.99
N ARG B 445 -4.26 51.88 -3.20
CA ARG B 445 -3.69 50.76 -2.46
C ARG B 445 -2.22 50.61 -2.81
N ALA B 446 -1.89 50.71 -4.09
CA ALA B 446 -0.48 50.57 -4.51
C ALA B 446 0.42 51.60 -3.79
N GLU B 447 -0.07 52.82 -3.67
CA GLU B 447 0.66 53.88 -3.00
C GLU B 447 0.81 53.58 -1.49
N ALA B 448 -0.23 53.01 -0.88
CA ALA B 448 -0.19 52.63 0.55
C ALA B 448 0.83 51.54 0.79
N VAL B 449 0.80 50.49 -0.04
CA VAL B 449 1.78 49.41 0.06
C VAL B 449 3.19 50.01 -0.09
N THR B 450 3.35 50.89 -1.08
CA THR B 450 4.65 51.52 -1.34
C THR B 450 5.14 52.32 -0.15
N CYS B 451 4.23 53.09 0.43
CA CYS B 451 4.50 53.89 1.61
C CYS B 451 5.06 53.04 2.78
N ALA B 452 4.42 51.91 3.05
CA ALA B 452 4.89 51.03 4.12
C ALA B 452 6.24 50.41 3.77
N VAL B 453 6.37 49.85 2.56
CA VAL B 453 7.57 49.11 2.16
C VAL B 453 8.78 50.06 2.15
N MET B 454 8.59 51.26 1.61
N MET B 454 8.61 51.28 1.62
CA MET B 454 9.69 52.23 1.45
CA MET B 454 9.72 52.24 1.45
C MET B 454 10.12 52.84 2.77
C MET B 454 10.04 53.07 2.69
N GLN B 455 9.18 53.02 3.71
CA GLN B 455 9.48 53.62 5.02
C GLN B 455 9.96 52.60 6.05
N ALA B 456 9.50 51.35 5.93
CA ALA B 456 9.85 50.31 6.89
C ALA B 456 11.35 50.10 6.90
N LYS B 457 11.91 49.90 8.10
CA LYS B 457 13.32 49.54 8.27
C LYS B 457 13.61 48.10 7.86
N GLU B 458 14.90 47.80 7.72
CA GLU B 458 15.38 46.51 7.27
C GLU B 458 14.84 45.36 8.11
N ASN B 459 14.69 45.59 9.42
CA ASN B 459 14.32 44.55 10.37
C ASN B 459 12.83 44.60 10.75
N ASP B 460 12.08 45.39 9.99
CA ASP B 460 10.64 45.52 10.14
C ASP B 460 9.99 44.39 9.30
N VAL B 461 8.72 44.17 9.57
CA VAL B 461 7.87 43.30 8.76
C VAL B 461 6.66 44.13 8.39
N VAL B 462 6.29 44.07 7.12
CA VAL B 462 5.05 44.64 6.61
C VAL B 462 4.10 43.52 6.19
N LEU B 463 2.93 43.47 6.84
CA LEU B 463 1.85 42.61 6.44
C LEU B 463 0.94 43.41 5.50
N VAL B 464 0.74 42.87 4.29
CA VAL B 464 -0.18 43.41 3.30
C VAL B 464 -1.34 42.45 3.23
N ALA B 465 -2.46 42.86 3.85
CA ALA B 465 -3.59 42.00 4.11
C ALA B 465 -4.81 42.32 3.28
N GLY B 466 -5.55 41.27 2.94
CA GLY B 466 -6.90 41.38 2.42
C GLY B 466 -7.14 40.84 1.03
N LYS B 467 -6.07 40.62 0.26
CA LYS B 467 -6.20 40.18 -1.13
C LYS B 467 -5.56 38.81 -1.41
N GLY B 468 -4.43 38.51 -0.77
CA GLY B 468 -3.71 37.28 -1.00
C GLY B 468 -3.33 37.15 -2.46
N HIS B 469 -3.86 36.10 -3.10
CA HIS B 469 -3.63 35.73 -4.50
C HIS B 469 -4.42 36.57 -5.51
N GLU B 470 -5.47 37.26 -5.02
CA GLU B 470 -6.38 37.98 -5.91
C GLU B 470 -5.61 39.05 -6.65
N ASP B 471 -5.94 39.21 -7.93
CA ASP B 471 -5.22 40.13 -8.79
C ASP B 471 -6.17 41.15 -9.42
N TYR B 472 -7.10 41.64 -8.59
CA TYR B 472 -8.00 42.71 -8.99
C TYR B 472 -8.28 43.67 -7.85
N GLN B 473 -8.65 44.90 -8.23
CA GLN B 473 -9.17 45.94 -7.34
C GLN B 473 -10.46 46.46 -8.00
N ILE B 474 -11.59 46.25 -7.32
CA ILE B 474 -12.90 46.68 -7.83
C ILE B 474 -13.16 48.12 -7.41
N VAL B 475 -13.11 49.02 -8.39
CA VAL B 475 -13.39 50.44 -8.23
C VAL B 475 -14.56 50.78 -9.18
N GLY B 476 -15.69 51.20 -8.60
CA GLY B 476 -16.94 51.35 -9.31
C GLY B 476 -17.50 49.99 -9.64
N ASN B 477 -17.74 49.76 -10.93
CA ASN B 477 -18.13 48.45 -11.46
C ASN B 477 -16.94 47.78 -12.17
N GLN B 478 -15.80 48.49 -12.21
CA GLN B 478 -14.60 48.06 -12.94
C GLN B 478 -13.68 47.16 -12.10
N ARG B 479 -13.28 46.04 -12.69
CA ARG B 479 -12.31 45.12 -12.14
C ARG B 479 -10.95 45.53 -12.72
N LEU B 480 -10.25 46.40 -12.00
CA LEU B 480 -8.92 46.85 -12.39
C LEU B 480 -7.87 45.78 -12.10
N ASP B 481 -6.90 45.64 -13.01
CA ASP B 481 -5.78 44.74 -12.86
C ASP B 481 -4.86 45.32 -11.79
N TYR B 482 -4.73 44.57 -10.69
CA TYR B 482 -3.92 44.98 -9.55
C TYR B 482 -3.59 43.74 -8.71
N SER B 483 -2.32 43.61 -8.33
CA SER B 483 -1.83 42.53 -7.46
C SER B 483 -0.93 43.07 -6.35
N ASP B 484 -1.28 42.76 -5.10
CA ASP B 484 -0.42 43.01 -3.97
C ASP B 484 0.94 42.30 -4.17
N ARG B 485 0.89 41.04 -4.64
CA ARG B 485 2.09 40.21 -4.80
C ARG B 485 3.05 40.87 -5.79
N VAL B 486 2.51 41.28 -6.94
CA VAL B 486 3.30 41.93 -7.99
C VAL B 486 3.82 43.28 -7.51
N THR B 487 2.97 44.05 -6.83
CA THR B 487 3.37 45.35 -6.32
C THR B 487 4.55 45.22 -5.35
N VAL B 488 4.42 44.29 -4.39
CA VAL B 488 5.45 44.04 -3.43
C VAL B 488 6.75 43.53 -4.09
N ALA B 489 6.60 42.56 -5.00
CA ALA B 489 7.73 42.00 -5.75
C ALA B 489 8.54 43.07 -6.47
N ARG B 490 7.84 43.95 -7.19
CA ARG B 490 8.48 45.06 -7.91
C ARG B 490 9.22 45.97 -6.97
N LEU B 491 8.61 46.32 -5.83
CA LEU B 491 9.22 47.20 -4.86
C LEU B 491 10.49 46.60 -4.25
N LEU B 492 10.49 45.28 -4.04
CA LEU B 492 11.62 44.60 -3.44
C LEU B 492 12.67 44.18 -4.47
N GLY B 493 12.34 44.31 -5.76
CA GLY B 493 13.20 43.89 -6.87
C GLY B 493 13.30 42.37 -6.99
N VAL B 494 12.18 41.68 -6.73
CA VAL B 494 12.10 40.22 -6.82
C VAL B 494 10.96 39.84 -7.74
N ILE B 495 10.76 38.54 -7.94
CA ILE B 495 9.77 38.03 -8.90
C ILE B 495 8.61 37.33 -8.16
N ALA B 496 7.38 37.81 -8.39
CA ALA B 496 6.16 37.21 -7.81
C ALA B 496 5.82 35.97 -8.63
C1 EDO C . 8.05 -27.31 -1.03
O1 EDO C . 7.66 -28.40 -1.85
C2 EDO C . 7.16 -26.10 -1.15
O2 EDO C . 7.22 -25.29 0.00
N1 SZN D . -10.19 13.65 15.45
C4 SZN D . -12.38 9.66 9.62
C5 SZN D . -11.61 10.67 10.20
C6 SZN D . -10.59 11.30 9.46
C7 SZN D . -11.92 11.00 11.62
C8 SZN D . -11.06 11.84 13.84
C10 SZN D . -9.08 13.47 16.29
C13 SZN D . -11.21 14.36 16.10
O2 SZN D . -12.24 14.62 15.57
C12 SZN D . -10.78 14.70 17.51
C11 SZN D . -9.36 14.16 17.63
O1 SZN D . -8.10 12.85 15.96
C9 SZN D . -10.29 13.18 14.04
N SZN D . -10.90 11.46 12.41
O SZN D . -13.03 10.84 12.06
C3 SZN D . -12.10 9.28 8.33
C2 SZN D . -11.10 9.90 7.63
C1 SZN D . -10.36 10.89 8.16
C SZN D . -9.31 11.51 7.34
C1 EDO E . 12.39 49.61 15.67
O1 EDO E . 11.47 48.72 16.26
C2 EDO E . 13.13 49.04 14.49
O2 EDO E . 12.55 49.30 13.23
#